data_6WOP
#
_entry.id   6WOP
#
_cell.length_a   92.379
_cell.length_b   188.453
_cell.length_c   114.113
_cell.angle_alpha   90.000
_cell.angle_beta   90.000
_cell.angle_gamma   90.000
#
_symmetry.space_group_name_H-M   'C 2 2 21'
#
loop_
_entity.id
_entity.type
_entity.pdbx_description
1 polymer '4-aminobutyrate transaminase'
2 non-polymer 'D(-)-TARTARIC ACID'
3 non-polymer 'CHLORIDE ION'
4 water water
#
_entity_poly.entity_id   1
_entity_poly.type   'polypeptide(L)'
_entity_poly.pdbx_seq_one_letter_code
;MDTQHSALNARKQQATPRGVGVMCQWYAEKAENATIWDKEGNQFIDFAGGIAVLNTGHRHPKVIAAVTEQLTKFTHTAYQ
VTPYESYVALAERINERAPIAGPAKAAFFTTGAEAVENAVKIARCYTGRHGIITFGNGFHGRSFMTMAMTGKTAPYKRDF
GVMPAGVFHARYPVPAKGISVDAAIESVEDIFSEDIAPHDVAAIVLEPVQGEGGFNVVPAEFLKRLRAICDKHGILLVAD
EVQSGFARTGKLFAMNHYETKADLITMAKSLGGGFPISGVVGRAEVMDAPNPGGLGGTYAGSPIAVAAAHAVIDAIEEEN
LCDRANELGAELVATLKDIQQATGDVVTDIRALGSMVAVELETAEQAKVVQNYAMENGLLLLTCGKYGNVIRFLYPLTIP
AEQFRQGLDILKQGFATLKAGSAKAMEQSA
;
_entity_poly.pdbx_strand_id   A,B
#
loop_
_chem_comp.id
_chem_comp.type
_chem_comp.name
_chem_comp.formula
CL non-polymer 'CHLORIDE ION' 'Cl -1'
TAR non-polymer 'D(-)-TARTARIC ACID' 'C4 H6 O6'
#
# COMPACT_ATOMS: atom_id res chain seq x y z
N THR A 3 -3.14 15.65 31.80
CA THR A 3 -4.06 14.52 31.77
C THR A 3 -4.82 14.51 30.45
N GLN A 4 -4.65 15.57 29.65
CA GLN A 4 -5.17 15.55 28.28
C GLN A 4 -4.55 14.43 27.47
N HIS A 5 -3.28 14.07 27.72
CA HIS A 5 -2.71 12.92 27.00
C HIS A 5 -3.24 11.60 27.57
N SER A 6 -3.59 11.57 28.85
CA SER A 6 -4.31 10.41 29.38
C SER A 6 -5.66 10.27 28.71
N ALA A 7 -6.40 11.38 28.55
CA ALA A 7 -7.69 11.35 27.85
C ALA A 7 -7.54 10.84 26.41
N LEU A 8 -6.45 11.23 25.74
CA LEU A 8 -6.24 10.78 24.39
C LEU A 8 -5.89 9.31 24.31
N ASN A 9 -5.09 8.82 25.24
CA ASN A 9 -4.80 7.38 25.15
C ASN A 9 -6.02 6.55 25.51
N ALA A 10 -6.91 7.03 26.39
CA ALA A 10 -8.18 6.32 26.59
C ALA A 10 -9.01 6.32 25.29
N ARG A 11 -9.06 7.44 24.58
CA ARG A 11 -9.82 7.45 23.33
C ARG A 11 -9.20 6.47 22.34
N LYS A 12 -7.87 6.44 22.27
CA LYS A 12 -7.19 5.50 21.35
C LYS A 12 -7.64 4.07 21.63
N GLN A 13 -7.62 3.69 22.88
CA GLN A 13 -7.95 2.30 23.20
C GLN A 13 -9.40 2.02 22.92
N GLN A 14 -10.28 2.98 23.19
CA GLN A 14 -11.69 2.77 22.90
C GLN A 14 -11.95 2.67 21.41
N ALA A 15 -11.23 3.44 20.56
CA ALA A 15 -11.62 3.54 19.15
C ALA A 15 -10.84 2.62 18.20
N THR A 16 -9.67 2.10 18.59
CA THR A 16 -8.82 1.40 17.65
C THR A 16 -8.41 0.06 18.25
N PRO A 17 -8.05 -0.93 17.41
CA PRO A 17 -7.66 -2.25 17.92
C PRO A 17 -6.33 -2.25 18.64
N ARG A 18 -6.21 -3.18 19.57
CA ARG A 18 -4.93 -3.33 20.26
C ARG A 18 -3.83 -3.86 19.35
N GLY A 19 -4.19 -4.37 18.17
CA GLY A 19 -3.21 -5.04 17.31
C GLY A 19 -2.21 -4.08 16.72
N VAL A 20 -2.58 -2.82 16.60
CA VAL A 20 -1.58 -1.81 16.24
C VAL A 20 -0.79 -1.42 17.49
N GLY A 21 0.46 -1.85 17.59
CA GLY A 21 1.29 -1.51 18.75
C GLY A 21 1.89 -0.11 18.58
N VAL A 22 1.70 0.75 19.57
CA VAL A 22 2.16 2.12 19.43
C VAL A 22 3.25 2.35 20.48
N MET A 23 4.42 2.82 20.03
CA MET A 23 5.54 2.90 20.97
C MET A 23 5.48 4.14 21.86
N CYS A 24 5.33 5.33 21.29
CA CYS A 24 5.41 6.53 22.14
C CYS A 24 4.07 6.76 22.84
N GLN A 25 4.15 7.19 24.10
CA GLN A 25 2.92 7.48 24.87
C GLN A 25 2.40 8.88 24.58
N TRP A 26 3.23 9.71 23.96
CA TRP A 26 2.90 11.08 23.64
C TRP A 26 2.58 11.16 22.15
N TYR A 27 1.95 12.26 21.74
CA TYR A 27 1.40 12.37 20.39
C TYR A 27 2.11 13.49 19.64
N ALA A 28 2.35 13.32 18.34
CA ALA A 28 3.08 14.33 17.60
C ALA A 28 2.17 15.52 17.27
N GLU A 29 2.72 16.70 17.47
CA GLU A 29 2.03 17.93 17.08
C GLU A 29 2.68 18.61 15.88
N LYS A 30 4.00 18.49 15.73
CA LYS A 30 4.71 19.17 14.66
C LYS A 30 6.07 18.49 14.56
N ALA A 31 6.66 18.49 13.37
CA ALA A 31 7.98 17.93 13.22
C ALA A 31 8.68 18.70 12.12
N GLU A 32 10.00 18.88 12.26
CA GLU A 32 10.73 19.60 11.23
C GLU A 32 12.19 19.17 11.31
N ASN A 33 12.70 18.71 10.16
CA ASN A 33 14.07 18.19 9.98
C ASN A 33 14.22 17.04 10.96
N ALA A 34 14.97 17.21 12.06
CA ALA A 34 15.13 16.13 13.04
C ALA A 34 14.56 16.52 14.41
N THR A 35 13.64 17.48 14.46
CA THR A 35 12.97 17.91 15.68
C THR A 35 11.49 17.53 15.62
N ILE A 36 10.97 16.93 16.70
CA ILE A 36 9.55 16.58 16.80
C ILE A 36 9.01 17.20 18.07
N TRP A 37 7.80 17.76 18.02
CA TRP A 37 7.20 18.39 19.20
C TRP A 37 5.93 17.65 19.57
N ASP A 38 5.71 17.45 20.85
CA ASP A 38 4.47 16.82 21.26
C ASP A 38 3.41 17.88 21.47
N LYS A 39 2.23 17.43 21.87
CA LYS A 39 1.10 18.31 21.99
C LYS A 39 1.28 19.30 23.11
N GLU A 40 2.16 18.99 24.08
CA GLU A 40 2.44 19.91 25.17
C GLU A 40 3.66 20.77 24.95
N GLY A 41 4.33 20.70 23.80
CA GLY A 41 5.42 21.59 23.51
C GLY A 41 6.80 21.02 23.74
N ASN A 42 6.90 19.82 24.35
CA ASN A 42 8.19 19.19 24.59
C ASN A 42 8.87 18.87 23.26
N GLN A 43 10.17 19.07 23.21
CA GLN A 43 10.95 18.87 22.00
C GLN A 43 11.70 17.55 22.09
N PHE A 44 11.71 16.79 20.98
CA PHE A 44 12.43 15.52 20.89
C PHE A 44 13.40 15.57 19.72
N ILE A 45 14.60 15.03 19.92
CA ILE A 45 15.54 14.91 18.81
C ILE A 45 15.19 13.60 18.15
N ASP A 46 15.04 13.61 16.85
CA ASP A 46 14.55 12.43 16.15
C ASP A 46 15.73 11.56 15.68
N PHE A 47 15.99 10.46 16.37
CA PHE A 47 16.87 9.44 15.81
C PHE A 47 16.09 8.25 15.22
N ALA A 48 14.82 8.45 14.89
CA ALA A 48 13.98 7.39 14.30
C ALA A 48 13.66 7.61 12.85
N GLY A 49 13.49 8.87 12.44
CA GLY A 49 13.22 9.15 11.05
C GLY A 49 11.95 8.48 10.56
N GLY A 50 10.96 8.31 11.43
CA GLY A 50 9.76 7.58 11.03
C GLY A 50 10.06 6.17 10.58
N ILE A 51 11.15 5.57 11.09
CA ILE A 51 11.69 4.26 10.72
C ILE A 51 12.27 4.35 9.33
N ALA A 52 13.29 5.20 9.15
CA ALA A 52 14.13 5.27 7.94
C ALA A 52 13.39 5.87 6.76
N VAL A 53 12.29 6.59 7.02
CA VAL A 53 11.50 7.24 5.97
C VAL A 53 11.95 8.68 5.72
N LEU A 54 12.70 9.26 6.65
CA LEU A 54 12.98 10.70 6.58
C LEU A 54 14.48 10.95 6.50
N ASN A 55 15.16 10.30 5.54
CA ASN A 55 16.59 10.59 5.36
C ASN A 55 16.82 12.06 5.05
N THR A 56 15.86 12.71 4.39
CA THR A 56 15.88 14.17 4.09
C THR A 56 15.20 15.00 5.17
N GLY A 57 14.72 14.38 6.24
CA GLY A 57 14.16 15.08 7.38
C GLY A 57 12.67 15.31 7.23
N HIS A 58 12.00 15.53 8.37
CA HIS A 58 10.59 15.92 8.36
C HIS A 58 10.42 17.24 7.61
N ARG A 59 9.50 17.27 6.66
CA ARG A 59 9.14 18.52 5.97
C ARG A 59 10.38 19.23 5.42
N HIS A 60 11.26 18.49 4.73
CA HIS A 60 12.36 19.15 4.05
C HIS A 60 11.80 20.25 3.15
N PRO A 61 12.36 21.47 3.19
CA PRO A 61 11.75 22.59 2.44
C PRO A 61 11.57 22.32 0.97
N LYS A 62 12.52 21.67 0.30
CA LYS A 62 12.39 21.36 -1.11
C LYS A 62 11.25 20.39 -1.38
N VAL A 63 11.22 19.32 -0.60
CA VAL A 63 10.15 18.35 -0.71
C VAL A 63 8.77 19.02 -0.56
N ILE A 64 8.62 19.82 0.50
CA ILE A 64 7.33 20.43 0.74
C ILE A 64 6.98 21.39 -0.38
N ALA A 65 7.99 22.17 -0.87
CA ALA A 65 7.73 23.04 -2.01
C ALA A 65 7.24 22.24 -3.23
N ALA A 66 7.85 21.08 -3.48
CA ALA A 66 7.45 20.31 -4.66
C ALA A 66 6.04 19.80 -4.51
N VAL A 67 5.68 19.35 -3.28
CA VAL A 67 4.33 18.86 -3.00
C VAL A 67 3.32 20.01 -3.06
N THR A 68 3.71 21.17 -2.52
CA THR A 68 2.83 22.33 -2.57
C THR A 68 2.51 22.65 -4.02
N GLU A 69 3.54 22.56 -4.90
CA GLU A 69 3.27 22.88 -6.30
C GLU A 69 2.37 21.82 -6.94
N GLN A 70 2.64 20.55 -6.67
CA GLN A 70 1.77 19.51 -7.23
C GLN A 70 0.32 19.64 -6.72
N LEU A 71 0.11 20.15 -5.51
CA LEU A 71 -1.25 20.30 -5.04
C LEU A 71 -2.04 21.31 -5.87
N THR A 72 -1.35 22.21 -6.60
CA THR A 72 -2.05 23.12 -7.49
C THR A 72 -2.37 22.47 -8.82
N LYS A 73 -1.92 21.26 -9.05
CA LYS A 73 -2.12 20.61 -10.34
C LYS A 73 -3.11 19.46 -10.24
N PHE A 74 -2.73 18.38 -9.56
CA PHE A 74 -3.63 17.23 -9.34
C PHE A 74 -2.97 16.33 -8.30
N THR A 75 -3.79 15.61 -7.54
CA THR A 75 -3.26 14.70 -6.56
C THR A 75 -3.46 13.24 -6.92
N HIS A 76 -4.32 12.93 -7.86
CA HIS A 76 -4.61 11.53 -8.18
C HIS A 76 -5.37 11.45 -9.49
N THR A 77 -4.83 10.70 -10.47
CA THR A 77 -5.58 10.35 -11.67
C THR A 77 -5.81 8.85 -11.84
N ALA A 78 -5.07 8.00 -11.08
CA ALA A 78 -4.83 6.59 -11.35
C ALA A 78 -3.96 6.50 -12.59
N TYR A 79 -2.65 6.30 -12.38
CA TYR A 79 -1.72 6.32 -13.50
C TYR A 79 -2.17 5.38 -14.62
N GLN A 80 -2.76 4.22 -14.28
CA GLN A 80 -3.14 3.31 -15.36
C GLN A 80 -4.33 3.82 -16.14
N VAL A 81 -5.05 4.85 -15.62
CA VAL A 81 -6.13 5.47 -16.39
C VAL A 81 -5.53 6.62 -17.19
N THR A 82 -4.96 7.61 -16.50
CA THR A 82 -4.34 8.77 -17.15
C THR A 82 -2.92 8.92 -16.60
N PRO A 83 -1.91 8.76 -17.42
CA PRO A 83 -0.53 8.86 -16.93
C PRO A 83 -0.13 10.32 -16.77
N TYR A 84 1.02 10.51 -16.13
CA TYR A 84 1.60 11.83 -15.89
C TYR A 84 3.08 11.74 -16.25
N GLU A 85 3.67 12.85 -16.66
CA GLU A 85 5.08 12.84 -17.04
C GLU A 85 5.98 12.67 -15.83
N SER A 86 5.58 13.18 -14.64
CA SER A 86 6.54 13.12 -13.53
C SER A 86 6.89 11.67 -13.15
N TYR A 87 5.97 10.77 -13.36
CA TYR A 87 6.19 9.32 -13.11
C TYR A 87 7.24 8.73 -14.08
N VAL A 88 7.05 9.04 -15.34
CA VAL A 88 8.02 8.61 -16.33
C VAL A 88 9.36 9.17 -15.98
N ALA A 89 9.40 10.49 -15.66
CA ALA A 89 10.68 11.13 -15.39
C ALA A 89 11.34 10.49 -14.17
N LEU A 90 10.53 10.17 -13.12
CA LEU A 90 11.10 9.52 -11.93
C LEU A 90 11.68 8.14 -12.29
N ALA A 91 10.97 7.37 -13.14
CA ALA A 91 11.53 6.10 -13.59
C ALA A 91 12.88 6.31 -14.29
N GLU A 92 12.96 7.35 -15.15
CA GLU A 92 14.20 7.62 -15.86
C GLU A 92 15.34 7.92 -14.89
N ARG A 93 15.03 8.73 -13.86
CA ARG A 93 16.06 9.11 -12.90
C ARG A 93 16.54 7.93 -12.06
N ILE A 94 15.64 7.05 -11.66
CA ILE A 94 16.06 5.85 -10.93
C ILE A 94 16.79 4.89 -11.83
N ASN A 95 16.28 4.68 -13.07
CA ASN A 95 16.99 3.80 -14.02
C ASN A 95 18.42 4.25 -14.20
N GLU A 96 18.63 5.56 -14.26
CA GLU A 96 19.96 6.05 -14.48
C GLU A 96 20.89 5.73 -13.30
N ARG A 97 20.36 5.77 -12.08
CA ARG A 97 21.15 5.67 -10.88
C ARG A 97 21.27 4.27 -10.30
N ALA A 98 20.39 3.36 -10.64
CA ALA A 98 20.31 2.08 -9.95
C ALA A 98 21.41 1.15 -10.42
N PRO A 99 21.98 0.33 -9.54
CA PRO A 99 23.05 -0.59 -9.98
C PRO A 99 22.49 -1.88 -10.61
N ILE A 100 22.16 -1.78 -11.88
CA ILE A 100 21.50 -2.83 -12.67
C ILE A 100 22.37 -3.05 -13.90
N ALA A 101 22.57 -4.30 -14.26
CA ALA A 101 23.39 -4.62 -15.43
C ALA A 101 22.55 -4.45 -16.70
N GLY A 102 22.98 -3.55 -17.59
CA GLY A 102 22.31 -3.34 -18.86
C GLY A 102 21.17 -2.36 -18.64
N PRO A 103 20.29 -2.15 -19.63
CA PRO A 103 19.23 -1.16 -19.48
C PRO A 103 18.26 -1.54 -18.36
N ALA A 104 17.85 -0.57 -17.58
CA ALA A 104 16.93 -0.83 -16.49
C ALA A 104 15.54 -0.31 -16.83
N LYS A 105 14.52 -0.86 -16.16
CA LYS A 105 13.21 -0.23 -16.18
C LYS A 105 12.70 -0.15 -14.75
N ALA A 106 11.73 0.74 -14.50
CA ALA A 106 11.23 0.90 -13.14
C ALA A 106 9.72 1.11 -13.18
N ALA A 107 9.07 0.73 -12.09
CA ALA A 107 7.66 1.05 -11.94
C ALA A 107 7.45 1.41 -10.48
N PHE A 108 6.40 2.16 -10.20
CA PHE A 108 6.16 2.66 -8.83
C PHE A 108 4.86 2.10 -8.31
N PHE A 109 4.87 1.72 -7.03
CA PHE A 109 3.67 1.28 -6.34
C PHE A 109 3.48 2.19 -5.14
N THR A 110 2.85 1.69 -4.07
CA THR A 110 2.61 2.56 -2.91
C THR A 110 3.40 2.17 -1.69
N THR A 111 3.39 0.88 -1.29
CA THR A 111 4.02 0.50 -0.04
C THR A 111 5.31 -0.31 -0.25
N GLY A 112 6.11 -0.37 0.82
CA GLY A 112 7.30 -1.23 0.76
C GLY A 112 6.94 -2.68 0.49
N ALA A 113 5.89 -3.17 1.13
CA ALA A 113 5.45 -4.57 0.89
C ALA A 113 5.02 -4.78 -0.56
N GLU A 114 4.31 -3.79 -1.14
CA GLU A 114 3.94 -3.89 -2.56
C GLU A 114 5.16 -3.96 -3.43
N ALA A 115 6.18 -3.15 -3.15
CA ALA A 115 7.40 -3.25 -3.98
C ALA A 115 8.00 -4.65 -3.90
N VAL A 116 8.13 -5.19 -2.69
CA VAL A 116 8.65 -6.56 -2.53
C VAL A 116 7.73 -7.56 -3.24
N GLU A 117 6.42 -7.41 -3.04
CA GLU A 117 5.48 -8.38 -3.60
C GLU A 117 5.48 -8.34 -5.13
N ASN A 118 5.60 -7.11 -5.70
CA ASN A 118 5.72 -7.02 -7.15
C ASN A 118 7.07 -7.50 -7.65
N ALA A 119 8.13 -7.37 -6.89
CA ALA A 119 9.38 -7.96 -7.38
C ALA A 119 9.26 -9.48 -7.45
N VAL A 120 8.52 -10.07 -6.49
CA VAL A 120 8.28 -11.51 -6.52
C VAL A 120 7.38 -11.91 -7.69
N LYS A 121 6.28 -11.15 -7.90
CA LYS A 121 5.43 -11.38 -9.07
C LYS A 121 6.24 -11.33 -10.37
N ILE A 122 7.07 -10.32 -10.52
CA ILE A 122 7.90 -10.17 -11.73
C ILE A 122 8.85 -11.36 -11.88
N ALA A 123 9.52 -11.72 -10.80
CA ALA A 123 10.46 -12.85 -10.85
C ALA A 123 9.75 -14.16 -11.17
N ARG A 124 8.60 -14.39 -10.55
CA ARG A 124 7.84 -15.59 -10.86
C ARG A 124 7.47 -15.60 -12.34
N CYS A 125 7.03 -14.46 -12.86
CA CYS A 125 6.61 -14.38 -14.24
C CYS A 125 7.80 -14.66 -15.16
N TYR A 126 8.92 -13.95 -14.90
CA TYR A 126 10.09 -14.06 -15.79
C TYR A 126 10.66 -15.49 -15.82
N THR A 127 10.74 -16.13 -14.65
CA THR A 127 11.33 -17.45 -14.58
C THR A 127 10.32 -18.56 -14.82
N GLY A 128 9.03 -18.27 -14.71
CA GLY A 128 8.05 -19.33 -14.73
C GLY A 128 8.15 -20.29 -13.57
N ARG A 129 8.75 -19.85 -12.46
CA ARG A 129 8.92 -20.62 -11.24
C ARG A 129 8.20 -19.98 -10.09
N HIS A 130 7.99 -20.74 -8.98
CA HIS A 130 7.18 -20.20 -7.89
C HIS A 130 7.97 -19.94 -6.62
N GLY A 131 9.12 -20.58 -6.43
CA GLY A 131 9.69 -20.59 -5.09
C GLY A 131 10.46 -19.32 -4.77
N ILE A 132 10.56 -19.02 -3.46
CA ILE A 132 11.25 -17.84 -2.99
C ILE A 132 12.10 -18.20 -1.79
N ILE A 133 13.37 -17.83 -1.77
CA ILE A 133 14.20 -18.03 -0.61
C ILE A 133 14.52 -16.68 0.00
N THR A 134 14.23 -16.53 1.28
CA THR A 134 14.60 -15.35 2.04
C THR A 134 15.46 -15.83 3.22
N PHE A 135 15.75 -14.93 4.17
CA PHE A 135 16.70 -15.23 5.23
C PHE A 135 16.06 -14.99 6.60
N GLY A 136 16.51 -15.78 7.58
CA GLY A 136 16.02 -15.59 8.92
C GLY A 136 16.33 -14.17 9.35
N ASN A 137 15.38 -13.57 10.07
CA ASN A 137 15.41 -12.19 10.55
C ASN A 137 15.22 -11.20 9.42
N GLY A 138 15.03 -11.64 8.17
CA GLY A 138 14.71 -10.70 7.11
C GLY A 138 13.34 -10.11 7.38
N PHE A 139 13.13 -8.84 6.95
CA PHE A 139 11.79 -8.28 7.13
C PHE A 139 11.35 -7.67 5.81
N HIS A 140 10.16 -8.08 5.31
CA HIS A 140 9.75 -7.74 3.94
C HIS A 140 8.34 -7.21 3.82
N GLY A 141 7.53 -7.24 4.88
CA GLY A 141 6.21 -6.63 4.82
C GLY A 141 5.17 -7.48 5.54
N ARG A 142 3.91 -7.02 5.55
CA ARG A 142 2.89 -7.60 6.38
C ARG A 142 1.75 -8.23 5.57
N SER A 143 1.90 -8.40 4.26
CA SER A 143 0.99 -9.13 3.41
C SER A 143 1.16 -10.63 3.75
N PHE A 144 0.27 -11.49 3.24
CA PHE A 144 0.49 -12.92 3.50
C PHE A 144 1.77 -13.35 2.82
N MET A 145 2.02 -12.91 1.57
CA MET A 145 3.28 -13.37 0.98
C MET A 145 4.49 -12.73 1.65
N THR A 146 4.46 -11.39 1.92
CA THR A 146 5.65 -10.82 2.54
C THR A 146 5.78 -11.23 4.02
N MET A 147 4.69 -11.61 4.69
CA MET A 147 4.86 -12.16 6.03
C MET A 147 5.58 -13.50 5.97
N ALA A 148 5.23 -14.33 4.98
CA ALA A 148 5.92 -15.62 4.84
C ALA A 148 7.39 -15.39 4.55
N MET A 149 7.70 -14.39 3.74
CA MET A 149 9.10 -14.07 3.44
C MET A 149 9.84 -13.54 4.67
N THR A 150 9.16 -12.71 5.47
CA THR A 150 9.72 -12.19 6.71
C THR A 150 10.13 -13.33 7.63
N GLY A 151 11.36 -13.23 8.19
CA GLY A 151 11.97 -14.33 8.92
C GLY A 151 11.86 -14.12 10.40
N LYS A 152 10.71 -13.69 10.85
CA LYS A 152 10.43 -13.51 12.24
C LYS A 152 8.95 -13.79 12.45
N THR A 153 8.62 -14.74 13.27
CA THR A 153 7.22 -15.09 13.37
C THR A 153 6.54 -14.21 14.40
N ALA A 154 7.26 -13.81 15.46
CA ALA A 154 6.55 -13.02 16.47
C ALA A 154 7.08 -11.62 16.46
N PRO A 155 6.23 -10.56 16.42
CA PRO A 155 4.76 -10.57 16.49
C PRO A 155 4.06 -10.66 15.13
N TYR A 156 4.82 -10.73 14.02
CA TYR A 156 4.30 -10.37 12.71
C TYR A 156 3.35 -11.41 12.15
N LYS A 157 3.63 -12.68 12.33
CA LYS A 157 2.74 -13.63 11.63
C LYS A 157 2.18 -14.74 12.50
N ARG A 158 2.55 -14.82 13.80
CA ARG A 158 2.03 -15.86 14.69
C ARG A 158 0.48 -15.86 14.81
N ASP A 159 -0.18 -14.74 14.58
CA ASP A 159 -1.63 -14.71 14.75
C ASP A 159 -2.38 -15.21 13.53
N PHE A 160 -1.71 -15.43 12.39
CA PHE A 160 -2.44 -15.46 11.11
C PHE A 160 -2.36 -16.79 10.36
N GLY A 161 -1.99 -17.88 11.03
CA GLY A 161 -2.28 -19.19 10.42
C GLY A 161 -1.37 -19.52 9.24
N VAL A 162 -1.87 -20.35 8.32
CA VAL A 162 -0.99 -20.95 7.33
C VAL A 162 -0.46 -19.90 6.37
N MET A 163 0.78 -20.09 5.93
CA MET A 163 1.47 -19.11 5.07
C MET A 163 1.57 -19.76 3.69
N PRO A 164 1.68 -18.97 2.61
CA PRO A 164 1.76 -19.58 1.29
C PRO A 164 2.96 -20.50 1.09
N ALA A 165 2.73 -21.54 0.30
CA ALA A 165 3.74 -22.53 0.01
C ALA A 165 4.89 -21.94 -0.81
N GLY A 166 6.05 -22.63 -0.77
CA GLY A 166 7.18 -22.32 -1.63
C GLY A 166 8.07 -21.19 -1.12
N VAL A 167 7.99 -20.84 0.16
CA VAL A 167 8.87 -19.83 0.76
C VAL A 167 9.72 -20.50 1.83
N PHE A 168 11.05 -20.30 1.77
CA PHE A 168 11.91 -20.97 2.74
C PHE A 168 12.95 -20.00 3.26
N HIS A 169 13.44 -20.21 4.47
CA HIS A 169 14.44 -19.31 5.07
C HIS A 169 15.81 -19.94 5.22
N ALA A 170 16.82 -19.26 4.69
CA ALA A 170 18.23 -19.63 4.94
C ALA A 170 18.81 -18.76 6.08
N ARG A 171 20.07 -19.05 6.43
CA ARG A 171 20.76 -18.28 7.42
C ARG A 171 21.50 -17.11 6.80
N TYR A 172 21.20 -15.91 7.26
CA TYR A 172 21.96 -14.75 6.86
C TYR A 172 23.35 -14.78 7.47
N PRO A 173 24.39 -14.37 6.73
CA PRO A 173 25.77 -14.40 7.24
C PRO A 173 25.99 -13.31 8.27
N VAL A 174 26.39 -13.73 9.47
CA VAL A 174 26.68 -12.83 10.59
C VAL A 174 27.94 -13.39 11.25
N PRO A 175 29.13 -13.11 10.71
CA PRO A 175 30.32 -13.80 11.22
C PRO A 175 30.57 -13.47 12.68
N ALA A 176 30.25 -12.26 13.16
CA ALA A 176 30.36 -11.95 14.61
C ALA A 176 29.51 -12.88 15.47
N LYS A 177 28.49 -13.50 14.91
CA LYS A 177 27.64 -14.38 15.67
C LYS A 177 27.90 -15.81 15.29
N GLY A 178 29.03 -16.07 14.64
CA GLY A 178 29.38 -17.44 14.34
C GLY A 178 28.56 -18.06 13.24
N ILE A 179 27.99 -17.25 12.34
CA ILE A 179 27.40 -17.78 11.11
C ILE A 179 28.26 -17.27 9.96
N SER A 180 29.21 -18.10 9.53
CA SER A 180 30.15 -17.70 8.49
C SER A 180 29.45 -17.60 7.14
N VAL A 181 30.14 -16.97 6.18
CA VAL A 181 29.64 -16.99 4.80
C VAL A 181 29.47 -18.43 4.32
N ASP A 182 30.46 -19.30 4.62
CA ASP A 182 30.29 -20.72 4.26
C ASP A 182 29.00 -21.30 4.81
N ALA A 183 28.73 -21.06 6.11
CA ALA A 183 27.52 -21.66 6.70
C ALA A 183 26.27 -21.11 6.06
N ALA A 184 26.26 -19.81 5.74
CA ALA A 184 25.09 -19.23 5.11
C ALA A 184 24.88 -19.81 3.71
N ILE A 185 25.95 -19.91 2.94
CA ILE A 185 25.80 -20.48 1.61
C ILE A 185 25.35 -21.92 1.71
N GLU A 186 25.94 -22.66 2.66
CA GLU A 186 25.54 -24.06 2.84
C GLU A 186 24.07 -24.18 3.17
N SER A 187 23.51 -23.21 3.94
CA SER A 187 22.08 -23.30 4.29
C SER A 187 21.18 -23.08 3.07
N VAL A 188 21.60 -22.22 2.12
CA VAL A 188 20.87 -22.12 0.84
C VAL A 188 20.91 -23.46 0.08
N GLU A 189 22.08 -24.06 0.00
CA GLU A 189 22.18 -25.31 -0.72
C GLU A 189 21.35 -26.41 -0.03
N ASP A 190 21.26 -26.39 1.31
CA ASP A 190 20.42 -27.38 1.97
C ASP A 190 18.95 -27.18 1.58
N ILE A 191 18.53 -25.93 1.38
CA ILE A 191 17.16 -25.71 0.90
C ILE A 191 16.96 -26.39 -0.46
N PHE A 192 17.92 -26.22 -1.37
CA PHE A 192 17.81 -26.93 -2.66
C PHE A 192 17.76 -28.43 -2.45
N SER A 193 18.58 -28.92 -1.49
CA SER A 193 18.68 -30.35 -1.33
C SER A 193 17.45 -30.95 -0.67
N GLU A 194 16.74 -30.18 0.15
CA GLU A 194 15.72 -30.70 1.05
C GLU A 194 14.32 -30.20 0.77
N ASP A 195 14.16 -28.94 0.37
CA ASP A 195 12.88 -28.26 0.32
C ASP A 195 12.35 -28.06 -1.09
N ILE A 196 13.22 -27.60 -1.99
CA ILE A 196 12.74 -27.13 -3.29
C ILE A 196 13.89 -27.17 -4.29
N ALA A 197 13.65 -27.79 -5.45
CA ALA A 197 14.71 -27.89 -6.44
C ALA A 197 15.10 -26.50 -6.95
N PRO A 198 16.39 -26.31 -7.30
CA PRO A 198 16.78 -24.98 -7.81
C PRO A 198 15.92 -24.50 -8.99
N HIS A 199 15.50 -25.41 -9.89
CA HIS A 199 14.76 -24.94 -11.07
CA HIS A 199 14.75 -24.96 -11.07
C HIS A 199 13.31 -24.67 -10.74
N ASP A 200 12.90 -24.80 -9.48
CA ASP A 200 11.60 -24.28 -9.07
C ASP A 200 11.71 -23.00 -8.26
N VAL A 201 12.91 -22.45 -8.09
CA VAL A 201 13.11 -21.22 -7.30
C VAL A 201 13.13 -20.04 -8.26
N ALA A 202 12.18 -19.09 -8.08
CA ALA A 202 12.14 -17.88 -8.90
C ALA A 202 13.19 -16.86 -8.44
N ALA A 203 13.35 -16.66 -7.14
CA ALA A 203 14.23 -15.61 -6.69
C ALA A 203 14.77 -15.94 -5.33
N ILE A 204 15.97 -15.42 -5.06
CA ILE A 204 16.51 -15.30 -3.70
C ILE A 204 16.49 -13.84 -3.33
N VAL A 205 15.90 -13.54 -2.18
CA VAL A 205 15.62 -12.15 -1.80
C VAL A 205 16.30 -11.85 -0.49
N LEU A 206 17.06 -10.75 -0.45
CA LEU A 206 17.73 -10.40 0.80
C LEU A 206 17.92 -8.89 0.92
N GLU A 207 17.93 -8.45 2.14
CA GLU A 207 18.33 -7.07 2.43
C GLU A 207 19.85 -6.98 2.45
N PRO A 208 20.48 -6.12 1.62
CA PRO A 208 21.94 -5.93 1.76
C PRO A 208 22.33 -5.48 3.15
N VAL A 209 21.46 -4.80 3.90
CA VAL A 209 21.67 -4.54 5.32
C VAL A 209 20.34 -4.91 6.00
N GLN A 210 20.28 -6.01 6.75
CA GLN A 210 18.96 -6.36 7.32
C GLN A 210 18.54 -5.25 8.26
N GLY A 211 17.27 -4.87 8.19
CA GLY A 211 16.77 -3.68 8.88
C GLY A 211 16.23 -4.04 10.26
N GLU A 212 14.95 -4.41 10.32
CA GLU A 212 14.39 -4.87 11.57
CA GLU A 212 14.36 -4.90 11.55
C GLU A 212 15.22 -5.99 12.19
N GLY A 213 15.93 -6.79 11.36
CA GLY A 213 16.72 -7.88 11.81
C GLY A 213 17.97 -7.54 12.58
N GLY A 214 18.38 -6.26 12.63
CA GLY A 214 19.43 -5.83 13.56
C GLY A 214 20.58 -5.07 12.93
N PHE A 215 20.38 -4.56 11.70
CA PHE A 215 21.42 -3.88 10.94
C PHE A 215 22.62 -4.78 10.77
N ASN A 216 22.41 -5.89 10.07
CA ASN A 216 23.44 -6.83 9.68
C ASN A 216 23.87 -6.54 8.25
N VAL A 217 25.16 -6.23 8.06
CA VAL A 217 25.67 -5.83 6.74
C VAL A 217 26.16 -7.08 6.02
N VAL A 218 25.69 -7.30 4.79
CA VAL A 218 26.02 -8.55 4.07
C VAL A 218 27.49 -8.51 3.68
N PRO A 219 28.26 -9.58 3.91
CA PRO A 219 29.63 -9.59 3.40
C PRO A 219 29.64 -9.66 1.89
N ALA A 220 30.59 -8.92 1.26
CA ALA A 220 30.75 -8.99 -0.20
C ALA A 220 30.89 -10.44 -0.70
N GLU A 221 31.65 -11.26 0.02
CA GLU A 221 31.87 -12.63 -0.44
C GLU A 221 30.55 -13.39 -0.49
N PHE A 222 29.63 -13.08 0.42
CA PHE A 222 28.36 -13.78 0.37
C PHE A 222 27.56 -13.40 -0.86
N LEU A 223 27.50 -12.09 -1.19
CA LEU A 223 26.83 -11.66 -2.41
C LEU A 223 27.44 -12.29 -3.65
N LYS A 224 28.77 -12.34 -3.73
CA LYS A 224 29.33 -12.89 -4.96
C LYS A 224 29.06 -14.39 -5.03
N ARG A 225 29.15 -15.14 -3.96
CA ARG A 225 28.81 -16.55 -4.01
C ARG A 225 27.32 -16.78 -4.31
N LEU A 226 26.49 -15.99 -3.67
CA LEU A 226 25.06 -16.08 -3.98
C LEU A 226 24.79 -15.76 -5.44
N ARG A 227 25.41 -14.72 -5.97
CA ARG A 227 25.25 -14.38 -7.38
C ARG A 227 25.64 -15.57 -8.28
N ALA A 228 26.75 -16.21 -7.98
CA ALA A 228 27.18 -17.35 -8.81
C ALA A 228 26.17 -18.49 -8.73
N ILE A 229 25.57 -18.74 -7.56
CA ILE A 229 24.55 -19.79 -7.45
C ILE A 229 23.31 -19.44 -8.25
N CYS A 230 22.83 -18.18 -8.11
CA CYS A 230 21.70 -17.77 -8.95
C CYS A 230 22.01 -17.89 -10.44
N ASP A 231 23.20 -17.49 -10.91
CA ASP A 231 23.49 -17.55 -12.34
C ASP A 231 23.52 -18.98 -12.82
N LYS A 232 24.05 -19.83 -12.01
CA LYS A 232 24.16 -21.23 -12.32
C LYS A 232 22.81 -21.90 -12.48
N HIS A 233 21.85 -21.47 -11.67
CA HIS A 233 20.52 -22.09 -11.68
C HIS A 233 19.42 -21.27 -12.35
N GLY A 234 19.75 -20.12 -12.94
CA GLY A 234 18.72 -19.31 -13.56
C GLY A 234 17.79 -18.65 -12.57
N ILE A 235 18.21 -18.50 -11.31
CA ILE A 235 17.39 -17.87 -10.28
C ILE A 235 17.64 -16.36 -10.31
N LEU A 236 16.63 -15.52 -10.04
CA LEU A 236 16.91 -14.09 -9.88
C LEU A 236 17.38 -13.68 -8.49
N LEU A 237 18.25 -12.64 -8.44
CA LEU A 237 18.70 -12.13 -7.16
C LEU A 237 17.99 -10.80 -6.93
N VAL A 238 17.28 -10.67 -5.80
CA VAL A 238 16.54 -9.45 -5.49
C VAL A 238 17.15 -8.79 -4.27
N ALA A 239 17.53 -7.52 -4.39
CA ALA A 239 18.02 -6.74 -3.24
C ALA A 239 16.86 -5.93 -2.69
N ASP A 240 16.48 -6.16 -1.44
CA ASP A 240 15.40 -5.37 -0.82
C ASP A 240 16.04 -4.17 -0.13
N GLU A 241 15.95 -3.00 -0.77
CA GLU A 241 16.47 -1.76 -0.22
C GLU A 241 15.36 -0.83 0.28
N VAL A 242 14.24 -1.39 0.73
CA VAL A 242 13.18 -0.52 1.28
C VAL A 242 13.73 0.31 2.44
N GLN A 243 14.55 -0.29 3.32
CA GLN A 243 15.13 0.45 4.47
C GLN A 243 16.53 0.99 4.20
N SER A 244 17.36 0.34 3.39
CA SER A 244 18.77 0.69 3.14
C SER A 244 18.97 1.79 2.10
N GLY A 245 17.93 2.09 1.30
CA GLY A 245 18.06 2.92 0.10
C GLY A 245 18.08 4.41 0.41
N PHE A 246 18.29 5.19 -0.67
CA PHE A 246 18.26 6.66 -0.62
C PHE A 246 19.18 7.23 0.46
N ALA A 247 20.46 6.86 0.31
CA ALA A 247 21.67 7.48 0.89
C ALA A 247 21.95 7.02 2.32
N ARG A 248 21.12 6.16 2.90
CA ARG A 248 21.32 5.73 4.29
C ARG A 248 22.73 5.18 4.55
N THR A 249 23.27 4.43 3.59
CA THR A 249 24.51 3.70 3.83
C THR A 249 25.70 4.45 3.27
N GLY A 250 25.51 5.69 2.80
CA GLY A 250 26.66 6.48 2.39
C GLY A 250 26.92 6.39 0.90
N LYS A 251 26.09 5.64 0.19
CA LYS A 251 25.95 5.67 -1.26
C LYS A 251 24.45 5.60 -1.51
N LEU A 252 24.00 5.85 -2.73
CA LEU A 252 22.55 5.99 -2.90
C LEU A 252 21.84 4.70 -2.52
N PHE A 253 22.33 3.57 -3.03
CA PHE A 253 21.84 2.23 -2.69
C PHE A 253 22.93 1.47 -1.93
N ALA A 254 22.54 0.67 -0.94
CA ALA A 254 23.57 -0.15 -0.29
C ALA A 254 24.28 -1.03 -1.32
N MET A 255 23.56 -1.48 -2.35
CA MET A 255 24.17 -2.36 -3.35
C MET A 255 25.26 -1.63 -4.10
N ASN A 256 25.29 -0.28 -4.02
CA ASN A 256 26.39 0.44 -4.67
C ASN A 256 27.72 0.19 -4.03
N HIS A 257 27.76 -0.36 -2.83
CA HIS A 257 29.04 -0.72 -2.21
C HIS A 257 29.63 -2.02 -2.75
N TYR A 258 28.93 -2.72 -3.63
CA TYR A 258 29.29 -4.08 -4.01
C TYR A 258 29.47 -4.18 -5.51
N GLU A 259 30.38 -5.07 -5.90
CA GLU A 259 30.62 -5.42 -7.30
C GLU A 259 29.44 -6.21 -7.85
N THR A 260 28.92 -7.10 -7.03
CA THR A 260 27.80 -7.94 -7.45
C THR A 260 26.58 -7.10 -7.70
N LYS A 261 25.87 -7.40 -8.78
CA LYS A 261 24.62 -6.72 -9.09
C LYS A 261 23.41 -7.64 -8.97
N ALA A 262 22.34 -7.09 -8.40
CA ALA A 262 21.05 -7.76 -8.32
C ALA A 262 20.27 -7.57 -9.62
N ASP A 263 19.33 -8.49 -9.89
CA ASP A 263 18.51 -8.38 -11.07
C ASP A 263 17.36 -7.40 -10.87
N LEU A 264 16.86 -7.33 -9.62
CA LEU A 264 15.75 -6.48 -9.19
C LEU A 264 16.10 -5.79 -7.87
N ILE A 265 15.68 -4.53 -7.71
CA ILE A 265 15.90 -3.82 -6.46
C ILE A 265 14.58 -3.20 -6.01
N THR A 266 14.24 -3.34 -4.71
CA THR A 266 13.02 -2.70 -4.26
C THR A 266 13.36 -1.44 -3.49
N MET A 267 12.42 -0.49 -3.49
CA MET A 267 12.61 0.84 -2.85
C MET A 267 11.33 1.27 -2.20
N ALA A 268 11.45 1.99 -1.10
CA ALA A 268 10.30 2.71 -0.55
C ALA A 268 10.81 3.69 0.51
N LYS A 269 10.03 3.90 1.58
CA LYS A 269 10.43 4.71 2.73
C LYS A 269 11.05 6.02 2.27
N SER A 270 12.38 6.16 2.36
CA SER A 270 12.89 7.52 2.14
C SER A 270 12.84 7.94 0.66
N LEU A 271 12.54 7.01 -0.27
CA LEU A 271 12.22 7.37 -1.66
C LEU A 271 11.28 8.58 -1.65
N GLY A 272 10.27 8.58 -0.79
CA GLY A 272 9.19 9.56 -0.84
C GLY A 272 9.35 10.68 0.17
N GLY A 273 10.40 10.61 1.00
CA GLY A 273 10.67 11.70 1.98
C GLY A 273 9.51 12.03 2.90
N GLY A 274 8.70 11.06 3.25
CA GLY A 274 7.56 11.31 4.09
C GLY A 274 6.20 11.22 3.39
N PHE A 275 6.14 10.71 2.15
CA PHE A 275 4.86 10.52 1.46
C PHE A 275 4.79 9.12 0.87
N PRO A 276 3.59 8.52 0.76
CA PRO A 276 3.54 7.07 0.40
C PRO A 276 3.86 6.84 -1.06
N ILE A 277 4.97 6.11 -1.29
CA ILE A 277 5.33 5.62 -2.61
C ILE A 277 6.37 4.53 -2.42
N SER A 278 6.49 3.64 -3.41
CA SER A 278 7.48 2.55 -3.44
C SER A 278 7.86 2.33 -4.89
N GLY A 279 8.88 1.46 -5.14
CA GLY A 279 9.13 1.13 -6.53
C GLY A 279 9.99 -0.12 -6.65
N VAL A 280 10.11 -0.58 -7.89
CA VAL A 280 10.93 -1.73 -8.26
C VAL A 280 11.68 -1.26 -9.47
N VAL A 281 13.02 -1.43 -9.45
CA VAL A 281 13.82 -1.16 -10.63
C VAL A 281 14.57 -2.45 -10.98
N GLY A 282 14.79 -2.71 -12.26
CA GLY A 282 15.58 -3.89 -12.56
C GLY A 282 15.89 -4.05 -14.03
N ARG A 283 16.46 -5.22 -14.37
CA ARG A 283 16.83 -5.46 -15.75
C ARG A 283 15.60 -5.33 -16.63
N ALA A 284 15.71 -4.60 -17.73
CA ALA A 284 14.51 -4.35 -18.56
C ALA A 284 13.77 -5.63 -18.95
N GLU A 285 14.50 -6.67 -19.38
CA GLU A 285 13.82 -7.84 -19.91
C GLU A 285 13.16 -8.62 -18.79
N VAL A 286 13.66 -8.46 -17.56
CA VAL A 286 12.98 -9.08 -16.41
C VAL A 286 11.72 -8.29 -16.06
N MET A 287 11.84 -6.97 -15.96
CA MET A 287 10.69 -6.11 -15.67
C MET A 287 9.58 -6.23 -16.71
N ASP A 288 9.92 -6.46 -17.98
CA ASP A 288 8.92 -6.55 -19.03
C ASP A 288 8.21 -7.91 -19.07
N ALA A 289 8.50 -8.80 -18.14
CA ALA A 289 7.92 -10.14 -18.26
C ALA A 289 6.42 -10.09 -18.10
N PRO A 290 5.84 -9.50 -17.04
CA PRO A 290 4.37 -9.53 -16.92
C PRO A 290 3.70 -8.85 -18.10
N ASN A 291 2.54 -9.38 -18.49
CA ASN A 291 1.79 -8.82 -19.59
C ASN A 291 1.00 -7.57 -19.16
N PRO A 292 0.66 -6.71 -20.11
CA PRO A 292 -0.06 -5.49 -19.74
C PRO A 292 -1.34 -5.84 -19.01
N GLY A 293 -1.61 -5.13 -17.94
CA GLY A 293 -2.69 -5.42 -17.04
C GLY A 293 -2.23 -6.17 -15.82
N GLY A 294 -1.05 -6.79 -15.90
CA GLY A 294 -0.52 -7.65 -14.86
C GLY A 294 0.05 -6.93 -13.67
N LEU A 295 0.37 -5.64 -13.81
CA LEU A 295 0.94 -4.86 -12.74
C LEU A 295 0.13 -3.57 -12.61
N GLY A 296 0.01 -3.06 -11.41
CA GLY A 296 -0.65 -1.76 -11.37
C GLY A 296 -1.10 -1.46 -9.96
N GLY A 297 -2.17 -0.66 -9.85
CA GLY A 297 -2.59 -0.30 -8.50
C GLY A 297 -3.13 1.11 -8.42
N THR A 298 -4.20 1.29 -7.64
CA THR A 298 -4.95 2.55 -7.59
C THR A 298 -4.07 3.71 -7.12
N TYR A 299 -3.43 3.54 -5.98
CA TYR A 299 -2.59 4.62 -5.44
C TYR A 299 -1.16 4.58 -5.95
N ALA A 300 -0.79 3.61 -6.77
CA ALA A 300 0.59 3.45 -7.18
C ALA A 300 1.17 4.74 -7.80
N GLY A 301 2.39 5.11 -7.40
CA GLY A 301 3.06 6.25 -8.04
C GLY A 301 2.27 7.53 -7.85
N SER A 302 1.82 7.77 -6.61
CA SER A 302 0.95 8.90 -6.36
C SER A 302 1.61 10.20 -6.84
N PRO A 303 0.89 11.05 -7.59
CA PRO A 303 1.49 12.31 -8.09
C PRO A 303 2.18 13.12 -7.01
N ILE A 304 1.53 13.21 -5.83
CA ILE A 304 2.07 13.91 -4.65
C ILE A 304 3.43 13.32 -4.27
N ALA A 305 3.47 11.99 -4.10
CA ALA A 305 4.68 11.31 -3.66
C ALA A 305 5.73 11.30 -4.74
N VAL A 306 5.33 11.28 -6.01
CA VAL A 306 6.29 11.34 -7.10
C VAL A 306 6.97 12.72 -7.09
N ALA A 307 6.21 13.76 -6.82
CA ALA A 307 6.84 15.09 -6.76
C ALA A 307 7.82 15.14 -5.62
N ALA A 308 7.46 14.54 -4.50
CA ALA A 308 8.31 14.54 -3.31
C ALA A 308 9.58 13.77 -3.59
N ALA A 309 9.46 12.64 -4.28
CA ALA A 309 10.63 11.78 -4.55
C ALA A 309 11.60 12.48 -5.50
N HIS A 310 11.08 13.23 -6.47
CA HIS A 310 12.01 13.99 -7.30
C HIS A 310 12.84 14.94 -6.44
N ALA A 311 12.18 15.56 -5.44
CA ALA A 311 12.91 16.53 -4.63
C ALA A 311 13.82 15.82 -3.64
N VAL A 312 13.49 14.60 -3.25
CA VAL A 312 14.40 13.83 -2.40
C VAL A 312 15.72 13.56 -3.14
N ILE A 313 15.62 13.08 -4.39
CA ILE A 313 16.83 12.84 -5.14
C ILE A 313 17.60 14.14 -5.31
N ASP A 314 16.89 15.21 -5.65
CA ASP A 314 17.56 16.52 -5.78
C ASP A 314 18.33 16.83 -4.50
N ALA A 315 17.68 16.64 -3.36
CA ALA A 315 18.30 17.08 -2.11
C ALA A 315 19.49 16.20 -1.79
N ILE A 316 19.35 14.88 -1.98
CA ILE A 316 20.46 13.98 -1.68
C ILE A 316 21.71 14.40 -2.46
N GLU A 317 21.53 14.77 -3.73
CA GLU A 317 22.71 15.08 -4.55
C GLU A 317 23.17 16.52 -4.38
N GLU A 318 22.21 17.42 -4.18
CA GLU A 318 22.56 18.83 -4.00
CA GLU A 318 22.55 18.84 -3.99
C GLU A 318 23.17 19.07 -2.62
N GLU A 319 22.71 18.36 -1.61
CA GLU A 319 23.17 18.55 -0.24
C GLU A 319 24.21 17.53 0.17
N ASN A 320 24.66 16.68 -0.77
CA ASN A 320 25.73 15.72 -0.50
C ASN A 320 25.40 14.85 0.70
N LEU A 321 24.19 14.30 0.70
CA LEU A 321 23.76 13.54 1.85
C LEU A 321 24.37 12.14 1.93
N CYS A 322 24.85 11.55 0.83
CA CYS A 322 25.69 10.36 0.96
C CYS A 322 26.93 10.66 1.80
N ASP A 323 27.62 11.76 1.48
CA ASP A 323 28.79 12.14 2.27
C ASP A 323 28.41 12.43 3.73
N ARG A 324 27.30 13.15 3.96
CA ARG A 324 26.87 13.40 5.32
C ARG A 324 26.59 12.10 6.07
N ALA A 325 25.99 11.11 5.37
CA ALA A 325 25.74 9.80 6.00
C ALA A 325 27.05 9.20 6.49
N ASN A 326 28.09 9.26 5.68
CA ASN A 326 29.36 8.69 6.13
C ASN A 326 29.94 9.47 7.31
N GLU A 327 29.88 10.80 7.25
CA GLU A 327 30.42 11.65 8.33
C GLU A 327 29.66 11.47 9.63
N LEU A 328 28.33 11.55 9.59
CA LEU A 328 27.56 11.33 10.81
C LEU A 328 27.77 9.89 11.32
N GLY A 329 27.72 8.89 10.44
CA GLY A 329 27.92 7.55 10.94
C GLY A 329 29.27 7.38 11.59
N ALA A 330 30.31 7.95 11.01
CA ALA A 330 31.63 7.81 11.61
C ALA A 330 31.63 8.40 13.02
N GLU A 331 30.96 9.55 13.21
CA GLU A 331 30.94 10.22 14.50
C GLU A 331 30.13 9.46 15.52
N LEU A 332 28.97 8.92 15.08
CA LEU A 332 28.22 8.04 15.95
C LEU A 332 29.01 6.77 16.30
N VAL A 333 29.74 6.17 15.36
CA VAL A 333 30.47 4.96 15.69
C VAL A 333 31.56 5.25 16.74
N ALA A 334 32.29 6.37 16.60
CA ALA A 334 33.29 6.70 17.60
C ALA A 334 32.66 6.87 18.98
N THR A 335 31.46 7.47 19.05
CA THR A 335 30.75 7.58 20.32
C THR A 335 30.39 6.19 20.89
N LEU A 336 29.91 5.29 20.04
CA LEU A 336 29.57 3.94 20.51
C LEU A 336 30.83 3.23 21.01
N LYS A 337 31.97 3.44 20.34
CA LYS A 337 33.17 2.73 20.84
C LYS A 337 33.62 3.31 22.17
N ASP A 338 33.44 4.61 22.38
CA ASP A 338 33.74 5.19 23.69
C ASP A 338 32.80 4.65 24.76
N ILE A 339 31.50 4.57 24.45
CA ILE A 339 30.53 3.94 25.35
C ILE A 339 30.95 2.52 25.68
N GLN A 340 31.29 1.74 24.65
CA GLN A 340 31.75 0.37 24.87
C GLN A 340 32.94 0.31 25.83
N GLN A 341 33.84 1.32 25.80
CA GLN A 341 35.00 1.33 26.71
C GLN A 341 34.61 1.73 28.12
N ALA A 342 33.92 2.86 28.24
CA ALA A 342 33.50 3.35 29.55
C ALA A 342 32.61 2.34 30.28
N THR A 343 31.98 1.40 29.56
CA THR A 343 31.08 0.46 30.22
C THR A 343 31.68 -0.93 30.40
N GLY A 344 31.05 -1.70 31.27
CA GLY A 344 31.55 -3.01 31.64
C GLY A 344 30.95 -4.11 30.80
N ASP A 345 29.76 -4.58 31.16
CA ASP A 345 29.23 -5.76 30.47
C ASP A 345 27.97 -5.42 29.70
N VAL A 346 28.03 -4.43 28.79
CA VAL A 346 26.84 -3.86 28.17
C VAL A 346 26.86 -4.02 26.65
N VAL A 347 27.92 -3.53 26.01
CA VAL A 347 27.96 -3.50 24.55
C VAL A 347 28.58 -4.79 24.02
N THR A 348 27.88 -5.47 23.09
CA THR A 348 28.41 -6.71 22.51
C THR A 348 28.81 -6.57 21.04
N ASP A 349 28.28 -5.59 20.32
CA ASP A 349 28.59 -5.43 18.91
C ASP A 349 28.26 -4.00 18.54
N ILE A 350 28.99 -3.49 17.54
CA ILE A 350 28.68 -2.24 16.86
C ILE A 350 28.68 -2.56 15.37
N ARG A 351 27.57 -2.28 14.68
CA ARG A 351 27.49 -2.58 13.25
C ARG A 351 27.22 -1.30 12.49
N ALA A 352 27.75 -1.19 11.27
CA ALA A 352 27.66 0.11 10.61
C ALA A 352 27.90 -0.03 9.12
N LEU A 353 27.03 0.57 8.31
CA LEU A 353 27.39 0.91 6.95
C LEU A 353 26.87 2.33 6.70
N GLY A 354 27.77 3.30 6.53
CA GLY A 354 27.27 4.67 6.35
C GLY A 354 26.59 5.13 7.62
N SER A 355 25.34 5.58 7.48
CA SER A 355 24.59 5.91 8.69
C SER A 355 23.45 4.94 8.89
N MET A 356 23.64 3.70 8.43
CA MET A 356 22.88 2.56 8.92
C MET A 356 23.74 1.95 10.02
N VAL A 357 23.55 2.45 11.26
CA VAL A 357 24.38 2.12 12.42
C VAL A 357 23.50 1.57 13.54
N ALA A 358 24.02 0.58 14.26
CA ALA A 358 23.31 -0.02 15.38
C ALA A 358 24.30 -0.43 16.46
N VAL A 359 23.83 -0.45 17.71
CA VAL A 359 24.60 -0.98 18.83
C VAL A 359 23.80 -2.12 19.48
N GLU A 360 24.45 -3.26 19.70
CA GLU A 360 23.77 -4.40 20.33
C GLU A 360 24.21 -4.48 21.78
N LEU A 361 23.26 -4.71 22.66
CA LEU A 361 23.55 -4.78 24.07
C LEU A 361 23.35 -6.21 24.55
N GLU A 362 23.86 -6.50 25.74
CA GLU A 362 23.71 -7.88 26.23
C GLU A 362 22.25 -8.29 26.34
N THR A 363 21.37 -7.36 26.67
CA THR A 363 20.05 -7.64 27.15
C THR A 363 19.05 -6.62 26.64
N ALA A 364 17.81 -7.06 26.37
CA ALA A 364 16.79 -6.07 25.98
C ALA A 364 16.39 -5.18 27.14
N GLU A 365 16.47 -5.67 28.38
CA GLU A 365 16.27 -4.78 29.52
C GLU A 365 17.28 -3.65 29.48
N GLN A 366 18.53 -3.96 29.09
CA GLN A 366 19.53 -2.90 28.94
C GLN A 366 19.13 -1.92 27.84
N ALA A 367 18.71 -2.44 26.70
CA ALA A 367 18.30 -1.55 25.59
C ALA A 367 17.14 -0.66 26.00
N LYS A 368 16.18 -1.19 26.77
CA LYS A 368 15.03 -0.40 27.18
C LYS A 368 15.43 0.65 28.21
N VAL A 369 16.41 0.37 29.06
CA VAL A 369 16.83 1.38 30.03
C VAL A 369 17.37 2.62 29.30
N VAL A 370 18.19 2.40 28.28
CA VAL A 370 18.78 3.50 27.51
C VAL A 370 17.68 4.22 26.71
N GLN A 371 16.86 3.44 26.01
CA GLN A 371 15.77 3.99 25.22
C GLN A 371 14.86 4.85 26.09
N ASN A 372 14.52 4.37 27.30
CA ASN A 372 13.58 5.17 28.07
C ASN A 372 14.28 6.38 28.72
N TYR A 373 15.54 6.26 29.13
CA TYR A 373 16.26 7.46 29.57
C TYR A 373 16.27 8.50 28.46
N ALA A 374 16.56 8.07 27.24
CA ALA A 374 16.62 9.00 26.12
C ALA A 374 15.28 9.66 25.94
N MET A 375 14.21 8.87 25.95
CA MET A 375 12.88 9.44 25.79
C MET A 375 12.59 10.49 26.86
N GLU A 376 12.96 10.21 28.13
CA GLU A 376 12.68 11.24 29.14
C GLU A 376 13.61 12.43 29.02
N ASN A 377 14.69 12.35 28.25
CA ASN A 377 15.53 13.53 28.07
C ASN A 377 15.53 14.06 26.64
N GLY A 378 14.44 13.84 25.90
CA GLY A 378 14.23 14.50 24.63
C GLY A 378 14.93 13.88 23.44
N LEU A 379 15.07 12.56 23.43
CA LEU A 379 15.75 11.83 22.37
C LEU A 379 14.93 10.58 22.03
N LEU A 380 14.49 10.47 20.77
CA LEU A 380 13.64 9.37 20.33
C LEU A 380 14.52 8.31 19.70
N LEU A 381 14.55 7.10 20.32
CA LEU A 381 15.38 5.97 19.89
C LEU A 381 14.54 4.76 19.56
N LEU A 382 14.93 4.01 18.52
CA LEU A 382 14.29 2.75 18.17
C LEU A 382 15.15 1.53 18.53
N THR A 383 14.47 0.43 18.89
CA THR A 383 15.15 -0.86 19.05
C THR A 383 14.80 -1.83 17.91
N CYS A 384 15.49 -2.96 17.88
CA CYS A 384 15.33 -3.90 16.79
C CYS A 384 15.86 -5.22 17.29
N GLY A 385 15.85 -6.19 16.38
CA GLY A 385 16.61 -7.40 16.62
C GLY A 385 15.72 -8.50 17.12
N LYS A 386 16.12 -9.76 16.81
CA LYS A 386 15.36 -10.92 17.22
C LYS A 386 15.05 -10.85 18.71
N TYR A 387 15.97 -10.30 19.51
CA TYR A 387 15.83 -10.32 20.96
C TYR A 387 15.56 -8.92 21.49
N GLY A 388 15.32 -7.96 20.60
CA GLY A 388 15.04 -6.60 21.05
C GLY A 388 16.15 -5.95 21.84
N ASN A 389 17.41 -6.37 21.61
CA ASN A 389 18.54 -5.85 22.37
C ASN A 389 19.42 -4.95 21.52
N VAL A 390 18.93 -4.52 20.35
CA VAL A 390 19.70 -3.70 19.44
C VAL A 390 19.06 -2.33 19.36
N ILE A 391 19.84 -1.28 19.53
CA ILE A 391 19.36 0.09 19.26
C ILE A 391 19.86 0.47 17.88
N ARG A 392 18.96 0.87 16.99
CA ARG A 392 19.37 1.21 15.63
C ARG A 392 19.18 2.69 15.46
N PHE A 393 20.02 3.31 14.62
CA PHE A 393 20.02 4.78 14.48
C PHE A 393 19.60 5.16 13.07
N LEU A 394 18.50 5.92 12.98
CA LEU A 394 17.88 6.32 11.72
C LEU A 394 17.58 7.82 11.67
N TYR A 395 18.44 8.65 12.32
CA TYR A 395 18.29 10.09 12.31
C TYR A 395 18.26 10.60 10.87
N PRO A 396 17.53 11.69 10.57
CA PRO A 396 17.64 12.31 9.25
C PRO A 396 19.07 12.62 8.91
N LEU A 397 19.46 12.41 7.62
CA LEU A 397 20.83 12.72 7.18
C LEU A 397 21.06 14.24 7.13
N THR A 398 19.98 14.98 7.22
CA THR A 398 19.99 16.44 7.27
C THR A 398 20.08 17.01 8.70
N ILE A 399 20.20 16.14 9.71
CA ILE A 399 20.18 16.65 11.11
C ILE A 399 21.31 17.66 11.32
N PRO A 400 21.06 18.82 11.94
CA PRO A 400 22.17 19.76 12.19
C PRO A 400 23.22 19.09 13.04
N ALA A 401 24.50 19.37 12.76
CA ALA A 401 25.60 18.68 13.45
C ALA A 401 25.53 18.92 14.96
N GLU A 402 25.12 20.13 15.36
CA GLU A 402 25.07 20.46 16.80
C GLU A 402 23.93 19.75 17.52
N GLN A 403 22.83 19.48 16.83
CA GLN A 403 21.73 18.73 17.42
C GLN A 403 22.04 17.22 17.45
N PHE A 404 22.72 16.73 16.42
CA PHE A 404 23.21 15.36 16.44
C PHE A 404 24.14 15.13 17.63
N ARG A 405 25.02 16.10 17.88
CA ARG A 405 25.98 16.00 18.98
C ARG A 405 25.23 15.93 20.31
N GLN A 406 24.18 16.73 20.44
CA GLN A 406 23.35 16.72 21.66
C GLN A 406 22.70 15.37 21.86
N GLY A 407 22.23 14.79 20.75
CA GLY A 407 21.66 13.45 20.77
C GLY A 407 22.66 12.43 21.23
N LEU A 408 23.92 12.56 20.80
CA LEU A 408 24.93 11.57 21.22
C LEU A 408 25.32 11.76 22.67
N ASP A 409 25.26 13.01 23.16
CA ASP A 409 25.50 13.23 24.58
C ASP A 409 24.37 12.62 25.44
N ILE A 410 23.12 12.77 25.02
CA ILE A 410 22.04 12.13 25.78
C ILE A 410 22.20 10.61 25.75
N LEU A 411 22.54 10.06 24.58
CA LEU A 411 22.76 8.62 24.45
C LEU A 411 23.80 8.15 25.45
N LYS A 412 24.93 8.88 25.52
CA LYS A 412 25.98 8.51 26.47
C LYS A 412 25.50 8.58 27.92
N GLN A 413 24.71 9.60 28.25
CA GLN A 413 24.20 9.68 29.61
C GLN A 413 23.29 8.50 29.90
N GLY A 414 22.48 8.09 28.91
CA GLY A 414 21.61 6.95 29.12
C GLY A 414 22.38 5.69 29.43
N PHE A 415 23.44 5.42 28.65
CA PHE A 415 24.28 4.27 28.93
C PHE A 415 24.91 4.40 30.31
N ALA A 416 25.25 5.62 30.72
CA ALA A 416 25.91 5.77 32.01
C ALA A 416 24.98 5.38 33.15
N THR A 417 23.66 5.48 32.98
CA THR A 417 22.77 5.07 34.07
C THR A 417 22.75 3.55 34.25
N LEU A 418 23.31 2.79 33.30
CA LEU A 418 23.60 1.37 33.41
C LEU A 418 24.71 1.14 34.41
N LYS A 419 25.77 1.94 34.23
CA LYS A 419 27.05 1.84 34.95
C LYS A 419 26.91 2.08 36.43
N GLN B 4 0.03 15.65 -30.11
CA GLN B 4 0.26 14.29 -29.62
C GLN B 4 1.11 14.31 -28.35
N HIS B 5 1.20 13.13 -27.71
CA HIS B 5 2.10 12.87 -26.58
C HIS B 5 3.17 11.85 -26.98
N SER B 6 3.74 11.98 -28.17
CA SER B 6 4.41 10.74 -28.55
C SER B 6 5.88 10.72 -28.19
N ALA B 7 6.62 11.84 -28.03
CA ALA B 7 7.88 11.78 -27.27
C ALA B 7 7.69 11.22 -25.85
N LEU B 8 6.62 11.63 -25.16
CA LEU B 8 6.35 11.14 -23.81
C LEU B 8 6.06 9.66 -23.81
N ASN B 9 5.22 9.19 -24.73
CA ASN B 9 4.95 7.75 -24.76
C ASN B 9 6.21 6.97 -25.12
N ALA B 10 7.03 7.49 -26.00
CA ALA B 10 8.28 6.79 -26.27
C ALA B 10 9.11 6.67 -25.00
N ARG B 11 9.24 7.78 -24.28
CA ARG B 11 9.89 7.78 -22.97
C ARG B 11 9.23 6.79 -22.03
N LYS B 12 7.90 6.75 -22.00
CA LYS B 12 7.19 5.81 -21.12
C LYS B 12 7.57 4.37 -21.45
N GLN B 13 7.58 4.02 -22.75
CA GLN B 13 7.85 2.61 -23.10
C GLN B 13 9.31 2.24 -22.88
N GLN B 14 10.24 3.19 -23.00
CA GLN B 14 11.66 2.92 -22.74
C GLN B 14 11.95 2.73 -21.25
N ALA B 15 11.26 3.47 -20.38
CA ALA B 15 11.68 3.60 -18.97
C ALA B 15 10.88 2.74 -18.00
N THR B 16 9.70 2.28 -18.39
CA THR B 16 8.78 1.58 -17.51
C THR B 16 8.32 0.29 -18.15
N PRO B 17 7.90 -0.69 -17.36
CA PRO B 17 7.58 -2.00 -17.91
C PRO B 17 6.25 -2.01 -18.62
N ARG B 18 6.08 -2.92 -19.53
CA ARG B 18 4.84 -2.98 -20.19
C ARG B 18 3.68 -3.49 -19.34
N GLY B 19 3.98 -4.12 -18.22
CA GLY B 19 2.91 -4.75 -17.46
C GLY B 19 1.94 -3.78 -16.83
N VAL B 20 2.32 -2.51 -16.67
CA VAL B 20 1.36 -1.50 -16.23
C VAL B 20 0.63 -1.00 -17.47
N GLY B 21 -0.61 -1.42 -17.62
CA GLY B 21 -1.38 -0.98 -18.75
C GLY B 21 -1.73 0.46 -18.52
N VAL B 22 -1.79 1.23 -19.57
CA VAL B 22 -2.17 2.65 -19.42
C VAL B 22 -3.24 2.94 -20.44
N MET B 23 -4.38 3.50 -20.02
CA MET B 23 -5.49 3.65 -20.94
C MET B 23 -5.35 4.89 -21.83
N CYS B 24 -5.24 6.07 -21.23
CA CYS B 24 -5.18 7.28 -22.05
C CYS B 24 -3.80 7.50 -22.67
N GLN B 25 -3.81 7.99 -23.92
CA GLN B 25 -2.60 8.27 -24.68
C GLN B 25 -2.04 9.66 -24.39
N TRP B 26 -2.85 10.53 -23.79
CA TRP B 26 -2.52 11.88 -23.33
C TRP B 26 -2.21 11.90 -21.84
N TYR B 27 -1.49 12.93 -21.42
CA TYR B 27 -0.96 13.01 -20.06
C TYR B 27 -1.69 14.11 -19.26
N ALA B 28 -1.94 13.87 -17.98
CA ALA B 28 -2.63 14.88 -17.17
C ALA B 28 -1.66 15.99 -16.81
N GLU B 29 -2.14 17.23 -16.92
CA GLU B 29 -1.39 18.42 -16.48
C GLU B 29 -2.04 19.13 -15.31
N LYS B 30 -3.36 19.07 -15.22
CA LYS B 30 -4.06 19.75 -14.12
C LYS B 30 -5.44 19.12 -14.05
N ALA B 31 -6.02 19.06 -12.84
CA ALA B 31 -7.40 18.59 -12.72
C ALA B 31 -8.08 19.33 -11.58
N GLU B 32 -9.40 19.55 -11.70
CA GLU B 32 -10.12 20.20 -10.59
C GLU B 32 -11.60 19.81 -10.70
N ASN B 33 -12.18 19.34 -9.57
CA ASN B 33 -13.55 18.85 -9.49
C ASN B 33 -13.69 17.72 -10.50
N ALA B 34 -14.41 17.96 -11.61
CA ALA B 34 -14.60 16.88 -12.60
C ALA B 34 -14.04 17.28 -13.97
N THR B 35 -13.03 18.17 -14.00
CA THR B 35 -12.38 18.59 -15.25
C THR B 35 -10.92 18.16 -15.22
N ILE B 36 -10.43 17.62 -16.34
CA ILE B 36 -9.01 17.26 -16.45
C ILE B 36 -8.49 17.90 -17.72
N TRP B 37 -7.32 18.54 -17.61
CA TRP B 37 -6.63 19.17 -18.74
C TRP B 37 -5.38 18.37 -19.10
N ASP B 38 -5.13 18.22 -20.39
CA ASP B 38 -3.85 17.67 -20.81
C ASP B 38 -2.82 18.78 -20.99
N LYS B 39 -1.66 18.40 -21.51
CA LYS B 39 -0.57 19.33 -21.69
C LYS B 39 -0.94 20.45 -22.67
N GLU B 40 -1.79 20.14 -23.65
CA GLU B 40 -2.15 21.13 -24.67
C GLU B 40 -3.24 22.08 -24.24
N GLY B 41 -3.84 21.87 -23.09
CA GLY B 41 -5.05 22.56 -22.70
C GLY B 41 -6.35 21.90 -23.17
N ASN B 42 -6.29 20.75 -23.83
CA ASN B 42 -7.55 20.04 -24.09
C ASN B 42 -8.19 19.66 -22.76
N GLN B 43 -9.52 19.88 -22.67
CA GLN B 43 -10.31 19.59 -21.46
C GLN B 43 -11.10 18.30 -21.60
N PHE B 44 -11.20 17.58 -20.49
CA PHE B 44 -11.95 16.33 -20.43
C PHE B 44 -12.90 16.40 -19.25
N ILE B 45 -14.15 16.04 -19.50
CA ILE B 45 -15.09 15.80 -18.42
C ILE B 45 -14.80 14.42 -17.84
N ASP B 46 -14.74 14.32 -16.53
CA ASP B 46 -14.20 13.13 -15.87
C ASP B 46 -15.36 12.27 -15.39
N PHE B 47 -15.65 11.16 -16.10
CA PHE B 47 -16.57 10.18 -15.55
C PHE B 47 -15.84 8.95 -14.97
N ALA B 48 -14.51 9.04 -14.76
CA ALA B 48 -13.68 8.03 -14.13
C ALA B 48 -13.42 8.28 -12.64
N GLY B 49 -13.14 9.52 -12.23
CA GLY B 49 -12.91 9.75 -10.82
C GLY B 49 -11.66 9.07 -10.34
N GLY B 50 -10.69 8.87 -11.22
CA GLY B 50 -9.50 8.08 -10.84
C GLY B 50 -9.86 6.67 -10.38
N ILE B 51 -10.92 6.11 -10.94
CA ILE B 51 -11.52 4.82 -10.55
C ILE B 51 -12.09 4.91 -9.14
N ALA B 52 -13.09 5.78 -8.96
CA ALA B 52 -13.96 5.85 -7.77
C ALA B 52 -13.23 6.39 -6.55
N VAL B 53 -12.10 7.07 -6.77
CA VAL B 53 -11.30 7.69 -5.71
C VAL B 53 -11.72 9.10 -5.41
N LEU B 54 -12.44 9.76 -6.35
CA LEU B 54 -12.65 11.21 -6.18
C LEU B 54 -14.13 11.49 -6.17
N ASN B 55 -14.85 10.85 -5.25
CA ASN B 55 -16.26 11.19 -5.07
C ASN B 55 -16.44 12.64 -4.67
N THR B 56 -15.43 13.24 -4.00
CA THR B 56 -15.46 14.68 -3.69
C THR B 56 -14.76 15.53 -4.76
N GLY B 57 -14.33 14.93 -5.88
CA GLY B 57 -13.74 15.72 -6.96
C GLY B 57 -12.22 15.84 -6.83
N HIS B 58 -11.58 16.10 -7.98
CA HIS B 58 -10.16 16.45 -7.97
C HIS B 58 -9.97 17.71 -7.16
N ARG B 59 -9.06 17.67 -6.22
CA ARG B 59 -8.65 18.92 -5.53
C ARG B 59 -9.86 19.64 -4.94
N HIS B 60 -10.74 18.88 -4.28
CA HIS B 60 -11.82 19.53 -3.55
C HIS B 60 -11.24 20.62 -2.63
N PRO B 61 -11.79 21.82 -2.62
CA PRO B 61 -11.09 22.92 -1.90
C PRO B 61 -10.91 22.65 -0.42
N LYS B 62 -11.85 21.98 0.24
CA LYS B 62 -11.67 21.78 1.67
C LYS B 62 -10.69 20.64 1.97
N VAL B 63 -10.62 19.66 1.08
CA VAL B 63 -9.61 18.62 1.18
C VAL B 63 -8.23 19.21 1.00
N ILE B 64 -8.07 20.06 -0.01
CA ILE B 64 -6.75 20.63 -0.21
C ILE B 64 -6.40 21.58 0.95
N ALA B 65 -7.37 22.31 1.49
CA ALA B 65 -7.06 23.17 2.64
C ALA B 65 -6.58 22.34 3.84
N ALA B 66 -7.16 21.15 4.02
CA ALA B 66 -6.83 20.31 5.16
C ALA B 66 -5.45 19.76 5.00
N VAL B 67 -5.10 19.38 3.78
CA VAL B 67 -3.78 18.85 3.50
C VAL B 67 -2.75 19.97 3.60
N THR B 68 -3.10 21.15 3.06
CA THR B 68 -2.20 22.29 3.15
C THR B 68 -1.88 22.59 4.61
N GLU B 69 -2.89 22.53 5.47
CA GLU B 69 -2.67 22.83 6.89
C GLU B 69 -1.81 21.74 7.53
N GLN B 70 -2.03 20.48 7.16
CA GLN B 70 -1.23 19.40 7.73
C GLN B 70 0.23 19.47 7.27
N LEU B 71 0.48 19.95 6.06
CA LEU B 71 1.86 20.12 5.59
C LEU B 71 2.65 21.11 6.43
N THR B 72 1.99 22.00 7.20
CA THR B 72 2.71 22.90 8.14
C THR B 72 3.07 22.21 9.44
N LYS B 73 2.62 20.96 9.64
CA LYS B 73 2.75 20.28 10.93
C LYS B 73 3.68 19.09 10.82
N PHE B 74 3.25 18.04 10.14
CA PHE B 74 4.11 16.90 9.84
C PHE B 74 3.43 16.02 8.79
N THR B 75 4.22 15.32 7.99
CA THR B 75 3.65 14.46 6.99
C THR B 75 3.79 12.98 7.32
N HIS B 76 4.68 12.60 8.22
CA HIS B 76 4.97 11.18 8.50
C HIS B 76 5.70 11.08 9.83
N THR B 77 5.17 10.25 10.75
CA THR B 77 5.90 9.89 11.98
C THR B 77 6.06 8.38 12.15
N ALA B 78 5.31 7.61 11.38
CA ALA B 78 5.01 6.20 11.55
C ALA B 78 4.14 6.09 12.78
N TYR B 79 2.85 5.88 12.56
CA TYR B 79 1.93 5.87 13.70
C TYR B 79 2.39 4.90 14.80
N GLN B 80 2.92 3.72 14.42
CA GLN B 80 3.30 2.79 15.48
C GLN B 80 4.53 3.24 16.26
N VAL B 81 5.24 4.25 15.77
CA VAL B 81 6.29 4.82 16.57
C VAL B 81 5.70 5.97 17.39
N THR B 82 5.24 7.01 16.68
CA THR B 82 4.64 8.16 17.34
C THR B 82 3.24 8.39 16.81
N PRO B 83 2.23 8.30 17.65
CA PRO B 83 0.87 8.42 17.16
C PRO B 83 0.49 9.89 17.05
N TYR B 84 -0.67 10.12 16.45
CA TYR B 84 -1.23 11.45 16.26
C TYR B 84 -2.71 11.39 16.64
N GLU B 85 -3.26 12.52 17.09
CA GLU B 85 -4.65 12.56 17.49
C GLU B 85 -5.56 12.40 16.30
N SER B 86 -5.18 12.92 15.12
CA SER B 86 -6.12 12.89 14.00
C SER B 86 -6.46 11.47 13.58
N TYR B 87 -5.55 10.55 13.77
CA TYR B 87 -5.87 9.15 13.42
C TYR B 87 -6.95 8.61 14.33
N VAL B 88 -6.81 8.86 15.61
CA VAL B 88 -7.82 8.43 16.58
C VAL B 88 -9.15 9.12 16.27
N ALA B 89 -9.11 10.39 15.95
CA ALA B 89 -10.39 11.05 15.67
C ALA B 89 -11.05 10.44 14.43
N LEU B 90 -10.26 10.13 13.41
CA LEU B 90 -10.86 9.57 12.20
C LEU B 90 -11.49 8.22 12.52
N ALA B 91 -10.81 7.40 13.35
CA ALA B 91 -11.41 6.14 13.77
C ALA B 91 -12.72 6.37 14.46
N GLU B 92 -12.75 7.37 15.35
CA GLU B 92 -13.99 7.68 16.06
C GLU B 92 -15.10 8.05 15.08
N ARG B 93 -14.77 8.87 14.09
CA ARG B 93 -15.84 9.28 13.17
C ARG B 93 -16.34 8.12 12.31
N ILE B 94 -15.44 7.24 11.89
CA ILE B 94 -15.87 6.06 11.15
C ILE B 94 -16.65 5.12 12.06
N ASN B 95 -16.20 4.92 13.29
CA ASN B 95 -16.94 4.02 14.19
C ASN B 95 -18.38 4.49 14.35
N GLU B 96 -18.58 5.80 14.42
CA GLU B 96 -19.94 6.29 14.63
C GLU B 96 -20.82 6.04 13.40
N ARG B 97 -20.22 6.02 12.24
CA ARG B 97 -20.98 6.00 10.99
C ARG B 97 -21.12 4.65 10.36
N ALA B 98 -20.31 3.72 10.72
CA ALA B 98 -20.31 2.44 9.99
C ALA B 98 -21.45 1.55 10.46
N PRO B 99 -22.04 0.76 9.56
CA PRO B 99 -23.11 -0.18 10.00
C PRO B 99 -22.54 -1.46 10.61
N ILE B 100 -22.20 -1.37 11.88
CA ILE B 100 -21.58 -2.45 12.66
C ILE B 100 -22.48 -2.69 13.88
N ALA B 101 -22.66 -3.95 14.23
CA ALA B 101 -23.48 -4.31 15.40
C ALA B 101 -22.66 -4.19 16.68
N GLY B 102 -23.09 -3.32 17.59
CA GLY B 102 -22.35 -3.13 18.83
C GLY B 102 -21.17 -2.21 18.60
N PRO B 103 -20.34 -2.01 19.62
CA PRO B 103 -19.25 -1.05 19.52
C PRO B 103 -18.32 -1.45 18.38
N ALA B 104 -17.86 -0.47 17.60
CA ALA B 104 -16.94 -0.77 16.51
C ALA B 104 -15.55 -0.26 16.87
N LYS B 105 -14.55 -0.76 16.17
CA LYS B 105 -13.19 -0.21 16.22
C LYS B 105 -12.69 -0.14 14.80
N ALA B 106 -11.73 0.76 14.57
CA ALA B 106 -11.22 0.96 13.21
C ALA B 106 -9.71 1.12 13.21
N ALA B 107 -9.05 0.63 12.17
CA ALA B 107 -7.63 0.93 11.97
C ALA B 107 -7.46 1.39 10.53
N PHE B 108 -6.38 2.14 10.26
CA PHE B 108 -6.10 2.64 8.92
C PHE B 108 -4.82 2.05 8.37
N PHE B 109 -4.86 1.70 7.09
CA PHE B 109 -3.69 1.25 6.37
C PHE B 109 -3.49 2.20 5.20
N THR B 110 -2.81 1.73 4.17
CA THR B 110 -2.54 2.60 3.03
C THR B 110 -3.40 2.26 1.83
N THR B 111 -3.38 1.00 1.35
CA THR B 111 -4.01 0.68 0.08
C THR B 111 -5.30 -0.12 0.28
N GLY B 112 -6.11 -0.19 -0.79
CA GLY B 112 -7.31 -1.02 -0.72
C GLY B 112 -6.99 -2.47 -0.49
N ALA B 113 -6.01 -2.99 -1.23
CA ALA B 113 -5.60 -4.37 -1.02
C ALA B 113 -5.16 -4.60 0.44
N GLU B 114 -4.43 -3.65 1.03
CA GLU B 114 -4.06 -3.83 2.43
C GLU B 114 -5.28 -3.92 3.33
N ALA B 115 -6.29 -3.07 3.08
CA ALA B 115 -7.48 -3.13 3.92
C ALA B 115 -8.14 -4.51 3.83
N VAL B 116 -8.32 -5.04 2.60
CA VAL B 116 -8.90 -6.39 2.44
C VAL B 116 -8.00 -7.43 3.08
N GLU B 117 -6.68 -7.32 2.84
CA GLU B 117 -5.79 -8.33 3.40
C GLU B 117 -5.80 -8.30 4.94
N ASN B 118 -5.91 -7.09 5.54
CA ASN B 118 -5.93 -7.05 7.01
C ASN B 118 -7.25 -7.50 7.55
N ALA B 119 -8.32 -7.27 6.80
CA ALA B 119 -9.60 -7.86 7.22
C ALA B 119 -9.49 -9.37 7.24
N VAL B 120 -8.79 -9.95 6.28
CA VAL B 120 -8.63 -11.41 6.26
C VAL B 120 -7.74 -11.86 7.40
N LYS B 121 -6.63 -11.13 7.65
CA LYS B 121 -5.78 -11.39 8.83
C LYS B 121 -6.57 -11.36 10.13
N ILE B 122 -7.30 -10.28 10.36
CA ILE B 122 -8.16 -10.17 11.54
C ILE B 122 -9.16 -11.33 11.64
N ALA B 123 -9.76 -11.70 10.50
CA ALA B 123 -10.79 -12.76 10.53
C ALA B 123 -10.15 -14.11 10.80
N ARG B 124 -9.01 -14.36 10.16
CA ARG B 124 -8.26 -15.59 10.44
C ARG B 124 -7.92 -15.70 11.91
N CYS B 125 -7.51 -14.58 12.50
CA CYS B 125 -7.04 -14.69 13.87
C CYS B 125 -8.21 -14.77 14.83
N TYR B 126 -9.30 -14.02 14.60
CA TYR B 126 -10.48 -14.11 15.48
C TYR B 126 -11.06 -15.53 15.47
N THR B 127 -11.17 -16.14 14.29
CA THR B 127 -11.85 -17.43 14.17
C THR B 127 -10.93 -18.61 14.38
N GLY B 128 -9.62 -18.40 14.31
CA GLY B 128 -8.69 -19.51 14.29
C GLY B 128 -8.77 -20.37 13.05
N ARG B 129 -9.31 -19.87 11.95
CA ARG B 129 -9.48 -20.65 10.71
C ARG B 129 -8.71 -20.00 9.57
N HIS B 130 -8.50 -20.73 8.47
CA HIS B 130 -7.72 -20.19 7.36
C HIS B 130 -8.55 -19.85 6.14
N GLY B 131 -9.72 -20.50 5.93
CA GLY B 131 -10.33 -20.46 4.61
C GLY B 131 -11.01 -19.15 4.35
N ILE B 132 -11.06 -18.75 3.07
CA ILE B 132 -11.70 -17.51 2.64
C ILE B 132 -12.53 -17.84 1.40
N ILE B 133 -13.81 -17.47 1.40
CA ILE B 133 -14.66 -17.62 0.24
C ILE B 133 -14.98 -16.26 -0.35
N THR B 134 -14.78 -16.14 -1.65
CA THR B 134 -15.07 -14.93 -2.41
C THR B 134 -15.95 -15.36 -3.58
N PHE B 135 -16.24 -14.42 -4.49
CA PHE B 135 -17.15 -14.63 -5.61
C PHE B 135 -16.45 -14.41 -6.96
N GLY B 136 -16.91 -15.13 -7.96
CA GLY B 136 -16.43 -14.89 -9.31
C GLY B 136 -16.71 -13.46 -9.68
N ASN B 137 -15.76 -12.85 -10.39
CA ASN B 137 -15.77 -11.47 -10.87
C ASN B 137 -15.57 -10.49 -9.72
N GLY B 138 -15.34 -10.99 -8.50
CA GLY B 138 -14.98 -10.09 -7.41
C GLY B 138 -13.60 -9.51 -7.66
N PHE B 139 -13.36 -8.31 -7.12
CA PHE B 139 -12.03 -7.72 -7.28
C PHE B 139 -11.59 -7.20 -5.92
N HIS B 140 -10.41 -7.65 -5.46
CA HIS B 140 -9.98 -7.33 -4.10
C HIS B 140 -8.52 -6.90 -3.96
N GLY B 141 -7.73 -6.92 -5.03
CA GLY B 141 -6.37 -6.41 -4.94
C GLY B 141 -5.40 -7.22 -5.75
N ARG B 142 -4.13 -6.77 -5.77
CA ARG B 142 -3.10 -7.36 -6.60
CA ARG B 142 -3.08 -7.34 -6.59
C ARG B 142 -1.97 -8.01 -5.80
N SER B 143 -2.14 -8.20 -4.49
CA SER B 143 -1.33 -8.99 -3.59
C SER B 143 -1.52 -10.49 -3.93
N PHE B 144 -0.61 -11.37 -3.49
CA PHE B 144 -0.87 -12.78 -3.79
C PHE B 144 -2.17 -13.24 -3.14
N MET B 145 -2.40 -12.86 -1.86
CA MET B 145 -3.70 -13.27 -1.27
C MET B 145 -4.87 -12.56 -1.97
N THR B 146 -4.77 -11.25 -2.23
CA THR B 146 -5.93 -10.60 -2.79
C THR B 146 -6.10 -10.93 -4.27
N MET B 147 -5.02 -11.29 -4.98
CA MET B 147 -5.19 -11.86 -6.32
C MET B 147 -5.96 -13.17 -6.26
N ALA B 148 -5.60 -14.02 -5.31
CA ALA B 148 -6.33 -15.31 -5.20
C ALA B 148 -7.81 -15.04 -4.93
N MET B 149 -8.08 -14.07 -4.03
CA MET B 149 -9.47 -13.72 -3.73
C MET B 149 -10.17 -13.15 -4.94
N THR B 150 -9.47 -12.30 -5.70
CA THR B 150 -10.01 -11.76 -6.94
C THR B 150 -10.52 -12.90 -7.85
N GLY B 151 -11.79 -12.76 -8.32
CA GLY B 151 -12.45 -13.74 -9.18
C GLY B 151 -12.27 -13.48 -10.69
N LYS B 152 -11.06 -13.15 -11.09
CA LYS B 152 -10.81 -12.90 -12.51
C LYS B 152 -9.34 -13.19 -12.76
N THR B 153 -9.05 -14.20 -13.61
CA THR B 153 -7.66 -14.60 -13.79
C THR B 153 -6.93 -13.74 -14.80
N ALA B 154 -7.63 -13.23 -15.85
CA ALA B 154 -7.02 -12.43 -16.90
C ALA B 154 -7.47 -11.00 -16.76
N PRO B 155 -6.58 -10.01 -16.64
CA PRO B 155 -5.13 -10.12 -16.76
C PRO B 155 -4.44 -10.19 -15.38
N TYR B 156 -5.20 -10.25 -14.28
CA TYR B 156 -4.63 -9.94 -12.97
C TYR B 156 -3.73 -11.04 -12.41
N LYS B 157 -4.02 -12.31 -12.63
CA LYS B 157 -3.15 -13.29 -11.99
C LYS B 157 -2.59 -14.36 -12.89
N ARG B 158 -2.92 -14.36 -14.19
CA ARG B 158 -2.50 -15.44 -15.08
C ARG B 158 -0.97 -15.51 -15.25
N ASP B 159 -0.25 -14.42 -14.97
CA ASP B 159 1.21 -14.40 -15.12
C ASP B 159 1.98 -14.93 -13.89
N PHE B 160 1.33 -15.13 -12.73
CA PHE B 160 2.01 -15.22 -11.45
C PHE B 160 1.89 -16.57 -10.74
N GLY B 161 1.42 -17.62 -11.42
CA GLY B 161 1.71 -18.95 -10.84
C GLY B 161 0.78 -19.32 -9.68
N VAL B 162 1.27 -20.26 -8.84
CA VAL B 162 0.40 -20.88 -7.83
C VAL B 162 -0.15 -19.83 -6.88
N MET B 163 -1.45 -19.96 -6.50
CA MET B 163 -2.06 -19.01 -5.57
C MET B 163 -2.17 -19.62 -4.15
N PRO B 164 -2.34 -18.80 -3.11
CA PRO B 164 -2.43 -19.34 -1.75
C PRO B 164 -3.58 -20.32 -1.59
N ALA B 165 -3.34 -21.35 -0.78
CA ALA B 165 -4.34 -22.38 -0.50
C ALA B 165 -5.51 -21.81 0.29
N GLY B 166 -6.67 -22.47 0.18
CA GLY B 166 -7.81 -22.18 1.04
C GLY B 166 -8.64 -20.99 0.57
N VAL B 167 -8.55 -20.60 -0.70
CA VAL B 167 -9.40 -19.54 -1.22
C VAL B 167 -10.24 -20.18 -2.32
N PHE B 168 -11.57 -19.97 -2.24
CA PHE B 168 -12.51 -20.59 -3.18
C PHE B 168 -13.53 -19.57 -3.64
N HIS B 169 -14.04 -19.73 -4.88
CA HIS B 169 -14.99 -18.78 -5.48
C HIS B 169 -16.36 -19.37 -5.66
N ALA B 170 -17.37 -18.66 -5.15
CA ALA B 170 -18.77 -19.00 -5.38
C ALA B 170 -19.35 -18.09 -6.46
N ARG B 171 -20.62 -18.34 -6.82
CA ARG B 171 -21.34 -17.54 -7.82
C ARG B 171 -22.02 -16.34 -7.19
N TYR B 172 -21.70 -15.13 -7.70
CA TYR B 172 -22.40 -13.94 -7.24
C TYR B 172 -23.81 -13.88 -7.85
N PRO B 173 -24.82 -13.56 -7.04
CA PRO B 173 -26.21 -13.51 -7.53
C PRO B 173 -26.40 -12.39 -8.54
N VAL B 174 -26.74 -12.75 -9.77
CA VAL B 174 -27.02 -11.80 -10.86
C VAL B 174 -28.27 -12.32 -11.56
N PRO B 175 -29.44 -12.08 -10.98
CA PRO B 175 -30.69 -12.66 -11.51
C PRO B 175 -30.92 -12.35 -12.98
N ALA B 176 -30.58 -11.14 -13.45
CA ALA B 176 -30.80 -10.82 -14.86
C ALA B 176 -29.97 -11.70 -15.78
N LYS B 177 -28.90 -12.30 -15.29
CA LYS B 177 -28.10 -13.23 -16.07
C LYS B 177 -28.39 -14.66 -15.68
N GLY B 178 -29.52 -14.92 -15.05
CA GLY B 178 -29.91 -16.28 -14.74
C GLY B 178 -29.10 -16.89 -13.62
N ILE B 179 -28.47 -16.08 -12.76
CA ILE B 179 -27.90 -16.66 -11.54
C ILE B 179 -28.71 -16.14 -10.34
N SER B 180 -29.69 -16.94 -9.91
CA SER B 180 -30.63 -16.59 -8.87
C SER B 180 -29.93 -16.54 -7.52
N VAL B 181 -30.62 -15.96 -6.53
CA VAL B 181 -30.10 -16.02 -5.15
C VAL B 181 -29.93 -17.47 -4.70
N ASP B 182 -30.92 -18.30 -5.02
CA ASP B 182 -30.82 -19.73 -4.71
C ASP B 182 -29.54 -20.32 -5.28
N ALA B 183 -29.28 -20.05 -6.55
CA ALA B 183 -28.11 -20.66 -7.19
C ALA B 183 -26.84 -20.17 -6.51
N ALA B 184 -26.81 -18.89 -6.14
CA ALA B 184 -25.63 -18.35 -5.48
C ALA B 184 -25.44 -18.97 -4.11
N ILE B 185 -26.52 -19.12 -3.32
CA ILE B 185 -26.37 -19.73 -2.00
C ILE B 185 -25.96 -21.17 -2.18
N GLU B 186 -26.56 -21.83 -3.18
CA GLU B 186 -26.21 -23.25 -3.40
C GLU B 186 -24.74 -23.38 -3.78
N SER B 187 -24.16 -22.39 -4.49
CA SER B 187 -22.74 -22.54 -4.83
C SER B 187 -21.85 -22.40 -3.61
N VAL B 188 -22.23 -21.54 -2.63
CA VAL B 188 -21.47 -21.47 -1.39
C VAL B 188 -21.55 -22.82 -0.65
N GLU B 189 -22.74 -23.42 -0.64
CA GLU B 189 -22.90 -24.67 0.08
C GLU B 189 -22.10 -25.81 -0.58
N ASP B 190 -21.95 -25.75 -1.91
CA ASP B 190 -21.14 -26.75 -2.63
C ASP B 190 -19.67 -26.62 -2.24
N ILE B 191 -19.22 -25.40 -1.96
CA ILE B 191 -17.85 -25.23 -1.48
C ILE B 191 -17.68 -25.93 -0.14
N PHE B 192 -18.66 -25.77 0.78
CA PHE B 192 -18.61 -26.48 2.04
C PHE B 192 -18.60 -27.98 1.81
N SER B 193 -19.40 -28.44 0.83
CA SER B 193 -19.50 -29.89 0.62
C SER B 193 -18.30 -30.49 -0.11
N GLU B 194 -17.52 -29.69 -0.79
CA GLU B 194 -16.54 -30.21 -1.75
C GLU B 194 -15.12 -29.78 -1.48
N ASP B 195 -14.95 -28.56 -1.04
CA ASP B 195 -13.65 -27.91 -0.94
C ASP B 195 -13.18 -27.72 0.48
N ILE B 196 -14.02 -27.20 1.38
CA ILE B 196 -13.54 -26.81 2.71
C ILE B 196 -14.70 -26.84 3.70
N ALA B 197 -14.50 -27.51 4.83
CA ALA B 197 -15.58 -27.65 5.78
C ALA B 197 -15.91 -26.27 6.35
N PRO B 198 -17.15 -26.04 6.74
CA PRO B 198 -17.49 -24.69 7.23
C PRO B 198 -16.67 -24.28 8.45
N HIS B 199 -16.31 -25.24 9.34
CA HIS B 199 -15.52 -24.84 10.52
CA HIS B 199 -15.53 -24.81 10.50
C HIS B 199 -14.05 -24.55 10.18
N ASP B 200 -13.65 -24.62 8.93
CA ASP B 200 -12.34 -24.16 8.49
C ASP B 200 -12.43 -22.87 7.68
N VAL B 201 -13.62 -22.29 7.55
CA VAL B 201 -13.73 -21.03 6.81
C VAL B 201 -13.78 -19.84 7.79
N ALA B 202 -12.79 -18.93 7.68
CA ALA B 202 -12.72 -17.75 8.55
C ALA B 202 -13.67 -16.65 8.07
N ALA B 203 -13.84 -16.50 6.76
CA ALA B 203 -14.64 -15.36 6.34
C ALA B 203 -15.20 -15.61 4.96
N ILE B 204 -16.40 -15.06 4.72
CA ILE B 204 -16.93 -14.88 3.37
C ILE B 204 -16.87 -13.40 3.06
N VAL B 205 -16.26 -13.06 1.92
CA VAL B 205 -15.88 -11.69 1.59
C VAL B 205 -16.58 -11.31 0.28
N LEU B 206 -17.38 -10.24 0.30
CA LEU B 206 -18.04 -9.86 -0.95
C LEU B 206 -18.17 -8.35 -1.06
N GLU B 207 -18.18 -7.86 -2.30
CA GLU B 207 -18.53 -6.43 -2.54
C GLU B 207 -20.03 -6.31 -2.59
N PRO B 208 -20.63 -5.47 -1.76
CA PRO B 208 -22.10 -5.27 -1.88
C PRO B 208 -22.51 -4.84 -3.27
N VAL B 209 -21.65 -4.10 -3.99
CA VAL B 209 -21.83 -3.79 -5.41
C VAL B 209 -20.50 -4.14 -6.05
N GLN B 210 -20.47 -5.22 -6.84
CA GLN B 210 -19.25 -5.59 -7.52
C GLN B 210 -18.78 -4.48 -8.44
N GLY B 211 -17.52 -4.10 -8.34
CA GLY B 211 -16.99 -2.91 -9.00
C GLY B 211 -16.42 -3.29 -10.36
N GLU B 212 -15.16 -3.74 -10.38
CA GLU B 212 -14.54 -4.19 -11.63
C GLU B 212 -15.36 -5.27 -12.30
N GLY B 213 -16.05 -6.10 -11.52
CA GLY B 213 -16.87 -7.19 -12.07
C GLY B 213 -18.14 -6.74 -12.80
N GLY B 214 -18.48 -5.45 -12.77
CA GLY B 214 -19.50 -4.91 -13.70
C GLY B 214 -20.66 -4.18 -13.07
N PHE B 215 -20.49 -3.71 -11.83
CA PHE B 215 -21.52 -2.99 -11.09
C PHE B 215 -22.77 -3.86 -10.90
N ASN B 216 -22.56 -4.98 -10.23
CA ASN B 216 -23.65 -5.91 -9.87
C ASN B 216 -24.06 -5.65 -8.43
N VAL B 217 -25.31 -5.26 -8.21
CA VAL B 217 -25.79 -4.95 -6.85
C VAL B 217 -26.28 -6.21 -6.15
N VAL B 218 -25.89 -6.42 -4.90
CA VAL B 218 -26.30 -7.67 -4.21
C VAL B 218 -27.78 -7.61 -3.85
N PRO B 219 -28.58 -8.65 -4.14
CA PRO B 219 -29.95 -8.65 -3.64
C PRO B 219 -29.98 -8.77 -2.13
N ALA B 220 -30.90 -8.03 -1.51
CA ALA B 220 -31.01 -8.07 -0.06
C ALA B 220 -31.19 -9.50 0.45
N GLU B 221 -31.93 -10.32 -0.28
CA GLU B 221 -32.23 -11.68 0.14
C GLU B 221 -30.96 -12.52 0.20
N PHE B 222 -30.02 -12.28 -0.73
CA PHE B 222 -28.77 -13.00 -0.69
C PHE B 222 -27.97 -12.66 0.57
N LEU B 223 -27.94 -11.38 0.95
CA LEU B 223 -27.18 -11.00 2.15
C LEU B 223 -27.81 -11.60 3.38
N LYS B 224 -29.12 -11.61 3.45
CA LYS B 224 -29.79 -12.16 4.58
C LYS B 224 -29.50 -13.66 4.71
N ARG B 225 -29.56 -14.40 3.63
CA ARG B 225 -29.28 -15.85 3.71
C ARG B 225 -27.79 -16.14 3.95
N LEU B 226 -26.91 -15.34 3.37
CA LEU B 226 -25.48 -15.46 3.65
C LEU B 226 -25.18 -15.17 5.12
N ARG B 227 -25.78 -14.12 5.67
CA ARG B 227 -25.61 -13.84 7.10
C ARG B 227 -26.04 -15.05 7.93
N ALA B 228 -27.15 -15.67 7.57
CA ALA B 228 -27.66 -16.76 8.39
C ALA B 228 -26.71 -17.95 8.30
N ILE B 229 -26.16 -18.20 7.12
CA ILE B 229 -25.17 -19.26 6.98
C ILE B 229 -23.93 -18.93 7.80
N CYS B 230 -23.43 -17.69 7.69
CA CYS B 230 -22.26 -17.39 8.49
C CYS B 230 -22.57 -17.50 9.97
N ASP B 231 -23.74 -17.06 10.45
CA ASP B 231 -24.07 -17.15 11.86
C ASP B 231 -24.11 -18.61 12.30
N LYS B 232 -24.66 -19.47 11.46
CA LYS B 232 -24.78 -20.90 11.80
C LYS B 232 -23.41 -21.58 11.98
N HIS B 233 -22.40 -21.15 11.22
CA HIS B 233 -21.10 -21.84 11.21
C HIS B 233 -19.98 -21.05 11.87
N GLY B 234 -20.30 -19.88 12.43
CA GLY B 234 -19.27 -19.08 13.08
C GLY B 234 -18.33 -18.39 12.13
N ILE B 235 -18.76 -18.17 10.88
CA ILE B 235 -17.94 -17.57 9.83
C ILE B 235 -18.17 -16.04 9.86
N LEU B 236 -17.14 -15.25 9.64
CA LEU B 236 -17.35 -13.81 9.62
C LEU B 236 -17.75 -13.36 8.23
N LEU B 237 -18.57 -12.32 8.15
CA LEU B 237 -19.03 -11.80 6.88
C LEU B 237 -18.33 -10.45 6.63
N VAL B 238 -17.63 -10.31 5.50
CA VAL B 238 -16.84 -9.10 5.25
C VAL B 238 -17.41 -8.39 4.03
N ALA B 239 -17.78 -7.13 4.18
CA ALA B 239 -18.20 -6.32 3.05
C ALA B 239 -17.00 -5.55 2.54
N ASP B 240 -16.60 -5.78 1.29
CA ASP B 240 -15.52 -4.98 0.68
C ASP B 240 -16.14 -3.74 0.02
N GLU B 241 -16.00 -2.57 0.68
CA GLU B 241 -16.52 -1.28 0.19
C GLU B 241 -15.42 -0.36 -0.31
N VAL B 242 -14.26 -0.92 -0.65
CA VAL B 242 -13.19 -0.09 -1.20
C VAL B 242 -13.74 0.79 -2.34
N GLN B 243 -14.61 0.24 -3.19
CA GLN B 243 -15.09 1.01 -4.35
C GLN B 243 -16.48 1.59 -4.15
N SER B 244 -17.31 0.97 -3.32
CA SER B 244 -18.70 1.40 -3.17
C SER B 244 -18.85 2.41 -2.05
N GLY B 245 -17.83 2.61 -1.22
CA GLY B 245 -17.98 3.44 -0.04
C GLY B 245 -17.94 4.97 -0.32
N PHE B 246 -18.17 5.70 0.76
CA PHE B 246 -18.06 7.15 0.79
C PHE B 246 -18.98 7.80 -0.26
N ALA B 247 -20.26 7.43 -0.16
CA ALA B 247 -21.44 8.15 -0.71
C ALA B 247 -21.72 7.72 -2.15
N ARG B 248 -20.86 6.87 -2.74
CA ARG B 248 -21.06 6.43 -4.13
C ARG B 248 -22.48 5.93 -4.36
N THR B 249 -23.03 5.15 -3.40
CA THR B 249 -24.31 4.50 -3.66
C THR B 249 -25.48 5.31 -3.13
N GLY B 250 -25.29 6.55 -2.75
CA GLY B 250 -26.44 7.32 -2.24
C GLY B 250 -26.69 7.18 -0.75
N LYS B 251 -25.92 6.35 -0.06
CA LYS B 251 -25.77 6.34 1.38
C LYS B 251 -24.28 6.29 1.60
N LEU B 252 -23.83 6.52 2.84
CA LEU B 252 -22.40 6.60 3.05
C LEU B 252 -21.73 5.29 2.65
N PHE B 253 -22.26 4.16 3.15
CA PHE B 253 -21.77 2.83 2.82
C PHE B 253 -22.85 2.11 2.03
N ALA B 254 -22.44 1.32 1.03
CA ALA B 254 -23.43 0.49 0.35
C ALA B 254 -24.20 -0.37 1.35
N MET B 255 -23.51 -0.88 2.39
CA MET B 255 -24.21 -1.71 3.38
C MET B 255 -25.34 -0.95 4.09
N ASN B 256 -25.37 0.39 3.98
CA ASN B 256 -26.44 1.13 4.66
C ASN B 256 -27.79 0.94 3.97
N HIS B 257 -27.82 0.35 2.79
CA HIS B 257 -29.11 0.06 2.13
C HIS B 257 -29.78 -1.23 2.62
N TYR B 258 -29.12 -2.02 3.46
CA TYR B 258 -29.53 -3.37 3.82
C TYR B 258 -29.69 -3.48 5.33
N GLU B 259 -30.54 -4.43 5.79
CA GLU B 259 -30.70 -4.65 7.23
C GLU B 259 -29.59 -5.54 7.76
N THR B 260 -29.07 -6.41 6.91
CA THR B 260 -27.97 -7.27 7.30
C THR B 260 -26.73 -6.47 7.59
N LYS B 261 -26.03 -6.82 8.65
CA LYS B 261 -24.77 -6.14 8.93
C LYS B 261 -23.58 -7.08 8.72
N ALA B 262 -22.50 -6.54 8.19
CA ALA B 262 -21.28 -7.29 8.09
C ALA B 262 -20.52 -7.18 9.41
N ASP B 263 -19.62 -8.16 9.63
CA ASP B 263 -18.76 -8.09 10.81
C ASP B 263 -17.59 -7.14 10.64
N LEU B 264 -17.10 -6.99 9.41
CA LEU B 264 -15.95 -6.17 9.07
C LEU B 264 -16.25 -5.51 7.74
N ILE B 265 -15.79 -4.28 7.57
CA ILE B 265 -16.01 -3.52 6.36
C ILE B 265 -14.70 -2.91 5.94
N THR B 266 -14.36 -3.01 4.66
CA THR B 266 -13.10 -2.41 4.19
C THR B 266 -13.39 -1.12 3.44
N MET B 267 -12.40 -0.23 3.41
CA MET B 267 -12.61 1.12 2.87
C MET B 267 -11.29 1.60 2.27
N ALA B 268 -11.38 2.37 1.19
CA ALA B 268 -10.18 3.01 0.62
C ALA B 268 -10.67 3.98 -0.44
N LYS B 269 -9.92 4.17 -1.53
CA LYS B 269 -10.34 5.06 -2.62
C LYS B 269 -10.92 6.38 -2.12
N SER B 270 -12.25 6.60 -2.27
CA SER B 270 -12.66 8.00 -1.95
C SER B 270 -12.67 8.31 -0.48
N LEU B 271 -12.34 7.34 0.42
CA LEU B 271 -12.03 7.70 1.81
C LEU B 271 -11.05 8.87 1.87
N GLY B 272 -10.05 8.87 0.99
CA GLY B 272 -8.95 9.80 1.02
C GLY B 272 -9.08 10.98 0.06
N GLY B 273 -10.15 11.02 -0.75
CA GLY B 273 -10.35 12.11 -1.69
C GLY B 273 -9.18 12.44 -2.61
N GLY B 274 -8.36 11.44 -2.91
CA GLY B 274 -7.19 11.64 -3.76
C GLY B 274 -5.84 11.47 -3.10
N PHE B 275 -5.77 10.96 -1.87
CA PHE B 275 -4.54 10.75 -1.14
C PHE B 275 -4.51 9.32 -0.60
N PRO B 276 -3.34 8.67 -0.55
CA PRO B 276 -3.37 7.21 -0.20
C PRO B 276 -3.71 6.90 1.26
N ILE B 277 -4.87 6.28 1.47
CA ILE B 277 -5.24 5.78 2.79
C ILE B 277 -6.31 4.70 2.62
N SER B 278 -6.38 3.80 3.58
CA SER B 278 -7.42 2.77 3.58
C SER B 278 -7.74 2.45 5.01
N GLY B 279 -8.78 1.60 5.22
CA GLY B 279 -9.01 1.21 6.60
C GLY B 279 -9.96 0.04 6.69
N VAL B 280 -10.08 -0.49 7.92
CA VAL B 280 -11.04 -1.57 8.21
C VAL B 280 -11.76 -1.12 9.46
N VAL B 281 -13.07 -1.29 9.50
CA VAL B 281 -13.84 -1.05 10.71
C VAL B 281 -14.67 -2.29 10.94
N GLY B 282 -14.93 -2.60 12.22
CA GLY B 282 -15.65 -3.84 12.48
C GLY B 282 -15.98 -3.97 13.96
N ARG B 283 -16.57 -5.10 14.31
CA ARG B 283 -16.97 -5.33 15.68
C ARG B 283 -15.73 -5.23 16.53
N ALA B 284 -15.84 -4.57 17.68
CA ALA B 284 -14.65 -4.37 18.52
C ALA B 284 -13.94 -5.69 18.77
N GLU B 285 -14.71 -6.70 19.20
CA GLU B 285 -14.19 -7.99 19.65
C GLU B 285 -13.41 -8.66 18.56
N VAL B 286 -13.86 -8.46 17.34
CA VAL B 286 -13.20 -9.07 16.19
C VAL B 286 -11.90 -8.34 15.89
N MET B 287 -11.98 -7.01 15.81
CA MET B 287 -10.81 -6.17 15.53
C MET B 287 -9.72 -6.38 16.58
N ASP B 288 -10.12 -6.67 17.81
CA ASP B 288 -9.16 -6.79 18.90
C ASP B 288 -8.48 -8.16 18.93
N ALA B 289 -8.77 -9.02 17.98
CA ALA B 289 -8.23 -10.38 18.05
C ALA B 289 -6.72 -10.40 17.88
N PRO B 290 -6.12 -9.77 16.87
CA PRO B 290 -4.66 -9.78 16.76
C PRO B 290 -4.00 -9.15 17.98
N ASN B 291 -2.82 -9.70 18.31
CA ASN B 291 -2.02 -9.19 19.43
C ASN B 291 -1.23 -7.95 19.02
N PRO B 292 -0.81 -7.12 19.99
CA PRO B 292 0.01 -5.93 19.65
C PRO B 292 1.22 -6.31 18.81
N GLY B 293 1.47 -5.52 17.76
CA GLY B 293 2.49 -5.76 16.78
C GLY B 293 2.02 -6.57 15.60
N GLY B 294 0.84 -7.19 15.73
CA GLY B 294 0.23 -8.02 14.70
C GLY B 294 -0.31 -7.24 13.52
N LEU B 295 -0.62 -5.94 13.70
CA LEU B 295 -1.10 -5.07 12.63
C LEU B 295 -0.25 -3.80 12.57
N GLY B 296 -0.09 -3.29 11.39
CA GLY B 296 0.53 -1.96 11.28
C GLY B 296 1.01 -1.72 9.86
N GLY B 297 2.04 -0.92 9.75
CA GLY B 297 2.57 -0.59 8.43
C GLY B 297 3.19 0.80 8.46
N THR B 298 4.26 0.97 7.68
CA THR B 298 5.01 2.20 7.62
C THR B 298 4.11 3.36 7.24
N TYR B 299 3.44 3.27 6.11
CA TYR B 299 2.67 4.39 5.61
C TYR B 299 1.22 4.43 6.10
N ALA B 300 0.77 3.40 6.79
CA ALA B 300 -0.64 3.24 7.20
C ALA B 300 -1.13 4.51 7.88
N GLY B 301 -2.35 4.94 7.58
CA GLY B 301 -2.84 6.11 8.32
C GLY B 301 -2.03 7.37 8.10
N SER B 302 -1.57 7.59 6.86
CA SER B 302 -0.67 8.73 6.61
C SER B 302 -1.30 10.03 7.14
N PRO B 303 -0.56 10.88 7.91
CA PRO B 303 -1.15 12.14 8.46
C PRO B 303 -1.75 13.03 7.38
N ILE B 304 -1.15 13.06 6.20
CA ILE B 304 -1.69 13.84 5.06
C ILE B 304 -3.07 13.30 4.66
N ALA B 305 -3.15 11.98 4.42
CA ALA B 305 -4.37 11.38 3.98
C ALA B 305 -5.40 11.30 5.09
N VAL B 306 -4.97 11.30 6.35
CA VAL B 306 -5.98 11.36 7.43
C VAL B 306 -6.65 12.75 7.46
N ALA B 307 -5.85 13.81 7.27
CA ALA B 307 -6.41 15.17 7.18
C ALA B 307 -7.38 15.29 6.00
N ALA B 308 -7.01 14.68 4.86
CA ALA B 308 -7.89 14.65 3.69
C ALA B 308 -9.21 13.93 4.02
N ALA B 309 -9.12 12.76 4.61
CA ALA B 309 -10.33 11.95 4.89
C ALA B 309 -11.27 12.66 5.85
N HIS B 310 -10.74 13.35 6.87
CA HIS B 310 -11.63 14.14 7.73
C HIS B 310 -12.41 15.16 6.90
N ALA B 311 -11.75 15.78 5.92
CA ALA B 311 -12.41 16.77 5.08
C ALA B 311 -13.35 16.11 4.08
N VAL B 312 -13.08 14.85 3.68
CA VAL B 312 -13.99 14.13 2.82
C VAL B 312 -15.31 13.88 3.53
N ILE B 313 -15.22 13.41 4.77
CA ILE B 313 -16.46 13.18 5.51
C ILE B 313 -17.18 14.48 5.69
N ASP B 314 -16.45 15.55 6.01
CA ASP B 314 -17.09 16.86 6.21
C ASP B 314 -17.88 17.22 4.98
N ALA B 315 -17.23 17.06 3.81
CA ALA B 315 -17.79 17.56 2.56
C ALA B 315 -18.98 16.72 2.18
N ILE B 316 -18.89 15.39 2.37
CA ILE B 316 -20.01 14.54 2.01
C ILE B 316 -21.25 14.98 2.79
N GLU B 317 -21.06 15.28 4.08
CA GLU B 317 -22.23 15.60 4.90
C GLU B 317 -22.66 17.04 4.70
N GLU B 318 -21.68 17.95 4.54
CA GLU B 318 -22.01 19.37 4.44
C GLU B 318 -22.62 19.68 3.08
N GLU B 319 -22.19 19.00 2.03
CA GLU B 319 -22.67 19.26 0.69
C GLU B 319 -23.74 18.28 0.25
N ASN B 320 -24.21 17.44 1.16
CA ASN B 320 -25.29 16.52 0.86
C ASN B 320 -24.97 15.63 -0.34
N LEU B 321 -23.77 15.01 -0.34
CA LEU B 321 -23.34 14.31 -1.53
C LEU B 321 -24.00 12.94 -1.69
N CYS B 322 -24.50 12.34 -0.60
CA CYS B 322 -25.34 11.14 -0.79
C CYS B 322 -26.57 11.47 -1.65
N ASP B 323 -27.21 12.58 -1.34
CA ASP B 323 -28.41 12.99 -2.06
C ASP B 323 -28.06 13.32 -3.49
N ARG B 324 -26.95 14.01 -3.68
CA ARG B 324 -26.53 14.28 -5.04
C ARG B 324 -26.28 12.98 -5.78
N ALA B 325 -25.68 11.99 -5.10
CA ALA B 325 -25.41 10.70 -5.75
C ALA B 325 -26.70 10.10 -6.25
N ASN B 326 -27.78 10.24 -5.47
CA ASN B 326 -29.05 9.69 -5.96
C ASN B 326 -29.61 10.53 -7.10
N GLU B 327 -29.43 11.85 -7.03
CA GLU B 327 -30.03 12.72 -8.04
C GLU B 327 -29.31 12.56 -9.36
N LEU B 328 -27.98 12.60 -9.33
CA LEU B 328 -27.22 12.40 -10.56
C LEU B 328 -27.45 10.98 -11.11
N GLY B 329 -27.43 9.97 -10.22
CA GLY B 329 -27.67 8.59 -10.67
C GLY B 329 -28.97 8.45 -11.42
N ALA B 330 -30.06 8.99 -10.85
CA ALA B 330 -31.35 8.85 -11.52
C ALA B 330 -31.34 9.55 -12.87
N GLU B 331 -30.67 10.69 -12.97
CA GLU B 331 -30.60 11.41 -14.23
C GLU B 331 -29.82 10.63 -15.26
N LEU B 332 -28.70 10.04 -14.86
CA LEU B 332 -27.94 9.22 -15.80
C LEU B 332 -28.74 7.98 -16.20
N VAL B 333 -29.45 7.37 -15.25
CA VAL B 333 -30.26 6.21 -15.60
C VAL B 333 -31.33 6.57 -16.61
N ALA B 334 -31.93 7.75 -16.49
CA ALA B 334 -32.95 8.13 -17.46
C ALA B 334 -32.35 8.28 -18.85
N THR B 335 -31.14 8.86 -18.94
CA THR B 335 -30.43 8.97 -20.21
C THR B 335 -30.11 7.59 -20.79
N LEU B 336 -29.68 6.67 -19.94
CA LEU B 336 -29.42 5.31 -20.46
C LEU B 336 -30.71 4.64 -20.97
N LYS B 337 -31.84 4.83 -20.28
CA LYS B 337 -33.07 4.23 -20.79
C LYS B 337 -33.47 4.81 -22.13
N ASP B 338 -33.19 6.09 -22.34
CA ASP B 338 -33.52 6.68 -23.63
C ASP B 338 -32.57 6.18 -24.71
N ILE B 339 -31.28 6.06 -24.40
CA ILE B 339 -30.35 5.41 -25.33
C ILE B 339 -30.84 4.00 -25.64
N GLN B 340 -31.25 3.27 -24.60
CA GLN B 340 -31.77 1.91 -24.81
C GLN B 340 -32.92 1.92 -25.79
N GLN B 341 -33.77 2.96 -25.72
CA GLN B 341 -34.87 3.09 -26.69
C GLN B 341 -34.37 3.54 -28.06
N ALA B 342 -33.60 4.63 -28.12
CA ALA B 342 -33.06 5.16 -29.37
C ALA B 342 -32.21 4.13 -30.13
N THR B 343 -31.70 3.10 -29.47
CA THR B 343 -30.82 2.14 -30.13
C THR B 343 -31.51 0.78 -30.35
N GLY B 344 -30.84 -0.05 -31.16
CA GLY B 344 -31.30 -1.40 -31.44
C GLY B 344 -30.20 -2.44 -31.28
N ASP B 345 -30.45 -3.45 -30.45
CA ASP B 345 -29.46 -4.53 -30.31
C ASP B 345 -28.15 -4.03 -29.69
N VAL B 346 -28.19 -2.99 -28.85
CA VAL B 346 -26.97 -2.47 -28.23
C VAL B 346 -26.96 -2.61 -26.70
N VAL B 347 -27.99 -2.09 -26.02
CA VAL B 347 -28.03 -2.04 -24.55
C VAL B 347 -28.65 -3.34 -24.02
N THR B 348 -27.89 -4.11 -23.21
CA THR B 348 -28.49 -5.33 -22.66
C THR B 348 -28.88 -5.23 -21.19
N ASP B 349 -28.37 -4.25 -20.47
CA ASP B 349 -28.70 -4.12 -19.06
C ASP B 349 -28.30 -2.72 -18.61
N ILE B 350 -29.06 -2.23 -17.64
CA ILE B 350 -28.72 -1.01 -16.93
C ILE B 350 -28.77 -1.38 -15.45
N ARG B 351 -27.68 -1.14 -14.75
CA ARG B 351 -27.56 -1.44 -13.32
C ARG B 351 -27.23 -0.17 -12.54
N ALA B 352 -27.82 0.00 -11.36
CA ALA B 352 -27.60 1.24 -10.61
C ALA B 352 -27.90 1.04 -9.13
N LEU B 353 -27.06 1.63 -8.28
CA LEU B 353 -27.42 1.91 -6.89
C LEU B 353 -26.83 3.29 -6.60
N GLY B 354 -27.66 4.29 -6.44
CA GLY B 354 -27.07 5.62 -6.26
C GLY B 354 -26.34 6.05 -7.53
N SER B 355 -25.13 6.55 -7.37
CA SER B 355 -24.29 6.92 -8.50
C SER B 355 -23.27 5.84 -8.78
N MET B 356 -23.58 4.60 -8.38
CA MET B 356 -22.84 3.45 -8.84
C MET B 356 -23.64 2.89 -10.02
N VAL B 357 -23.38 3.41 -11.24
CA VAL B 357 -24.24 3.14 -12.40
C VAL B 357 -23.42 2.56 -13.53
N ALA B 358 -24.00 1.61 -14.30
CA ALA B 358 -23.31 1.02 -15.43
C ALA B 358 -24.32 0.68 -16.52
N VAL B 359 -23.85 0.61 -17.76
CA VAL B 359 -24.67 0.15 -18.87
C VAL B 359 -23.89 -0.98 -19.54
N GLU B 360 -24.56 -2.13 -19.76
CA GLU B 360 -23.89 -3.26 -20.38
C GLU B 360 -24.33 -3.28 -21.84
N LEU B 361 -23.35 -3.45 -22.74
CA LEU B 361 -23.61 -3.46 -24.17
C LEU B 361 -23.46 -4.89 -24.66
N GLU B 362 -23.98 -5.17 -25.86
CA GLU B 362 -23.93 -6.56 -26.31
C GLU B 362 -22.48 -7.00 -26.46
N THR B 363 -21.61 -6.08 -26.84
CA THR B 363 -20.30 -6.38 -27.38
C THR B 363 -19.27 -5.46 -26.77
N ALA B 364 -18.06 -5.97 -26.48
CA ALA B 364 -16.98 -5.06 -26.08
C ALA B 364 -16.64 -4.08 -27.21
N GLU B 365 -16.68 -4.55 -28.46
CA GLU B 365 -16.42 -3.65 -29.58
C GLU B 365 -17.34 -2.45 -29.53
N GLN B 366 -18.62 -2.66 -29.18
CA GLN B 366 -19.54 -1.53 -29.04
C GLN B 366 -19.10 -0.58 -27.94
N ALA B 367 -18.72 -1.15 -26.80
CA ALA B 367 -18.37 -0.31 -25.68
C ALA B 367 -17.10 0.47 -26.00
N LYS B 368 -16.19 -0.12 -26.79
CA LYS B 368 -15.00 0.62 -27.17
C LYS B 368 -15.32 1.71 -28.17
N VAL B 369 -16.32 1.52 -29.02
CA VAL B 369 -16.73 2.58 -29.95
C VAL B 369 -17.22 3.80 -29.16
N VAL B 370 -18.04 3.56 -28.15
CA VAL B 370 -18.57 4.64 -27.31
C VAL B 370 -17.45 5.32 -26.52
N GLN B 371 -16.60 4.51 -25.88
CA GLN B 371 -15.47 5.05 -25.12
C GLN B 371 -14.53 5.87 -25.98
N ASN B 372 -14.23 5.38 -27.19
CA ASN B 372 -13.34 6.12 -28.10
C ASN B 372 -13.98 7.43 -28.54
N TYR B 373 -15.26 7.39 -28.95
CA TYR B 373 -15.93 8.62 -29.36
C TYR B 373 -15.94 9.63 -28.23
N ALA B 374 -16.25 9.17 -27.03
CA ALA B 374 -16.31 10.07 -25.90
C ALA B 374 -14.98 10.75 -25.70
N MET B 375 -13.90 9.98 -25.81
CA MET B 375 -12.56 10.50 -25.59
C MET B 375 -12.22 11.55 -26.63
N GLU B 376 -12.57 11.28 -27.89
CA GLU B 376 -12.40 12.23 -28.99
C GLU B 376 -13.13 13.53 -28.73
N ASN B 377 -14.17 13.48 -27.93
CA ASN B 377 -15.06 14.61 -27.74
C ASN B 377 -15.03 15.14 -26.31
N GLY B 378 -13.95 14.87 -25.59
CA GLY B 378 -13.73 15.43 -24.27
C GLY B 378 -14.51 14.83 -23.14
N LEU B 379 -14.72 13.49 -23.16
CA LEU B 379 -15.39 12.78 -22.06
C LEU B 379 -14.59 11.52 -21.72
N LEU B 380 -14.20 11.37 -20.46
CA LEU B 380 -13.35 10.25 -20.03
C LEU B 380 -14.22 9.15 -19.41
N LEU B 381 -14.26 7.96 -20.07
CA LEU B 381 -15.13 6.86 -19.70
C LEU B 381 -14.30 5.62 -19.40
N LEU B 382 -14.73 4.87 -18.36
CA LEU B 382 -14.17 3.58 -18.02
C LEU B 382 -15.07 2.44 -18.45
N THR B 383 -14.45 1.32 -18.89
CA THR B 383 -15.17 0.07 -19.06
C THR B 383 -14.80 -0.89 -17.91
N CYS B 384 -15.41 -2.08 -17.94
CA CYS B 384 -15.20 -3.10 -16.90
C CYS B 384 -15.96 -4.34 -17.28
N GLY B 385 -15.92 -5.36 -16.43
CA GLY B 385 -16.72 -6.53 -16.72
C GLY B 385 -15.90 -7.67 -17.30
N LYS B 386 -16.42 -8.90 -17.13
CA LYS B 386 -15.69 -10.09 -17.56
C LYS B 386 -15.36 -9.99 -19.04
N TYR B 387 -16.27 -9.39 -19.83
CA TYR B 387 -16.16 -9.36 -21.27
C TYR B 387 -15.85 -7.97 -21.80
N GLY B 388 -15.63 -7.01 -20.90
CA GLY B 388 -15.23 -5.68 -21.30
C GLY B 388 -16.30 -4.92 -22.05
N ASN B 389 -17.56 -5.33 -21.87
CA ASN B 389 -18.71 -4.75 -22.55
C ASN B 389 -19.56 -3.90 -21.61
N VAL B 390 -19.00 -3.47 -20.47
CA VAL B 390 -19.73 -2.64 -19.52
C VAL B 390 -19.06 -1.28 -19.45
N ILE B 391 -19.83 -0.21 -19.54
CA ILE B 391 -19.31 1.13 -19.23
C ILE B 391 -19.79 1.47 -17.82
N ARG B 392 -18.86 1.80 -16.92
CA ARG B 392 -19.23 2.10 -15.53
C ARG B 392 -19.04 3.58 -15.33
N PHE B 393 -19.88 4.20 -14.47
CA PHE B 393 -19.87 5.65 -14.31
C PHE B 393 -19.44 6.04 -12.89
N LEU B 394 -18.36 6.80 -12.81
CA LEU B 394 -17.67 7.09 -11.57
C LEU B 394 -17.32 8.57 -11.49
N TYR B 395 -18.17 9.44 -12.08
CA TYR B 395 -17.94 10.87 -12.03
C TYR B 395 -17.91 11.34 -10.57
N PRO B 396 -17.11 12.35 -10.23
CA PRO B 396 -17.22 12.97 -8.90
C PRO B 396 -18.68 13.33 -8.59
N LEU B 397 -19.09 13.16 -7.31
CA LEU B 397 -20.45 13.50 -6.93
C LEU B 397 -20.61 15.01 -6.82
N THR B 398 -19.52 15.74 -6.90
CA THR B 398 -19.50 17.21 -6.89
C THR B 398 -19.58 17.82 -8.29
N ILE B 399 -19.71 17.00 -9.34
CA ILE B 399 -19.64 17.52 -10.70
C ILE B 399 -20.71 18.58 -10.91
N PRO B 400 -20.41 19.74 -11.53
CA PRO B 400 -21.49 20.70 -11.80
C PRO B 400 -22.56 20.07 -12.69
N ALA B 401 -23.84 20.35 -12.37
CA ALA B 401 -24.94 19.72 -13.12
C ALA B 401 -24.85 20.03 -14.60
N GLU B 402 -24.47 21.25 -14.94
CA GLU B 402 -24.44 21.58 -16.36
C GLU B 402 -23.35 20.80 -17.09
N GLN B 403 -22.26 20.48 -16.40
CA GLN B 403 -21.19 19.73 -17.03
C GLN B 403 -21.50 18.23 -17.09
N PHE B 404 -22.22 17.74 -16.06
CA PHE B 404 -22.77 16.40 -16.09
C PHE B 404 -23.67 16.20 -17.30
N ARG B 405 -24.59 17.15 -17.54
CA ARG B 405 -25.43 17.12 -18.74
C ARG B 405 -24.64 17.14 -20.02
N GLN B 406 -23.60 17.97 -20.10
CA GLN B 406 -22.74 17.95 -21.28
C GLN B 406 -22.13 16.55 -21.52
N GLY B 407 -21.62 15.93 -20.46
CA GLY B 407 -21.16 14.53 -20.54
C GLY B 407 -22.27 13.59 -21.00
N LEU B 408 -23.46 13.69 -20.40
CA LEU B 408 -24.56 12.81 -20.82
C LEU B 408 -24.86 13.00 -22.31
N ASP B 409 -24.81 14.24 -22.80
CA ASP B 409 -25.04 14.52 -24.22
C ASP B 409 -24.00 13.84 -25.12
N ILE B 410 -22.71 13.98 -24.75
CA ILE B 410 -21.65 13.35 -25.53
C ILE B 410 -21.85 11.83 -25.53
N LEU B 411 -22.19 11.26 -24.38
CA LEU B 411 -22.45 9.84 -24.27
C LEU B 411 -23.56 9.42 -25.25
N LYS B 412 -24.68 10.17 -25.26
CA LYS B 412 -25.74 9.89 -26.23
C LYS B 412 -25.22 9.95 -27.65
N GLN B 413 -24.39 10.96 -27.96
CA GLN B 413 -23.81 11.06 -29.30
C GLN B 413 -22.96 9.82 -29.63
N GLY B 414 -22.17 9.34 -28.66
CA GLY B 414 -21.30 8.19 -28.93
C GLY B 414 -22.11 6.96 -29.28
N PHE B 415 -23.19 6.72 -28.53
CA PHE B 415 -24.09 5.60 -28.82
C PHE B 415 -24.76 5.78 -30.17
N ALA B 416 -25.16 7.02 -30.50
CA ALA B 416 -25.83 7.24 -31.77
C ALA B 416 -24.95 6.85 -32.95
N THR B 417 -23.64 6.84 -32.78
CA THR B 417 -22.79 6.45 -33.91
C THR B 417 -22.77 4.96 -34.16
N LEU B 418 -23.36 4.13 -33.28
CA LEU B 418 -23.24 2.69 -33.44
C LEU B 418 -24.11 2.20 -34.58
N LYS B 419 -25.39 2.60 -34.58
CA LYS B 419 -26.15 2.26 -35.79
C LYS B 419 -25.89 3.22 -36.92
N ALA B 420 -25.38 4.43 -36.67
CA ALA B 420 -24.88 5.28 -37.74
C ALA B 420 -23.63 4.62 -38.35
O1 TAR C . 29.77 -21.08 -3.21
O11 TAR C . 30.18 -22.63 -1.78
C1 TAR C . 29.74 -22.26 -2.86
C2 TAR C . 29.11 -23.30 -3.75
O2 TAR C . 27.98 -22.66 -4.30
C3 TAR C . 30.02 -23.82 -4.88
O3 TAR C . 31.22 -23.10 -5.10
C4 TAR C . 29.39 -24.18 -6.19
O4 TAR C . 30.07 -25.01 -6.77
O41 TAR C . 28.31 -23.79 -6.64
CL CL D . -18.13 13.98 13.22
O1 TAR E . 5.17 0.68 3.30
O11 TAR E . 3.49 0.89 4.76
C1 TAR E . 4.26 0.17 4.08
C2 TAR E . 4.09 -1.35 4.14
O2 TAR E . 5.26 -1.81 3.59
C3 TAR E . 4.07 -1.84 5.59
O3 TAR E . 5.18 -1.21 6.22
C4 TAR E . 4.29 -3.36 5.59
O4 TAR E . 3.56 -4.14 4.97
O41 TAR E . 5.26 -3.79 6.25
O1 TAR F . -5.40 -3.35 -6.34
O11 TAR F . -3.69 -3.92 -5.15
C1 TAR F . -4.38 -3.06 -5.69
C2 TAR F . -4.04 -1.56 -5.59
O2 TAR F . -5.11 -0.93 -6.22
C3 TAR F . -4.22 -1.18 -4.13
O3 TAR F . -5.45 -1.61 -3.63
C4 TAR F . -4.39 0.38 -4.01
O4 TAR F . -3.56 1.09 -4.63
O41 TAR F . -5.37 0.81 -3.28
O1 TAR G . -29.30 -23.19 5.95
O11 TAR G . -31.01 -24.45 6.35
C1 TAR G . -30.46 -23.55 5.65
C2 TAR G . -31.29 -22.99 4.45
O2 TAR G . -31.94 -21.80 4.67
C3 TAR G . -30.50 -22.93 3.14
O3 TAR G . -29.25 -23.50 3.29
C4 TAR G . -30.53 -21.59 2.38
O4 TAR G . -30.82 -21.79 1.20
O41 TAR G . -30.32 -20.38 2.81
#